data_2XGP
#
_entry.id   2XGP
#
_cell.length_a   103.440
_cell.length_b   103.440
_cell.length_c   292.350
_cell.angle_alpha   90.00
_cell.angle_beta   90.00
_cell.angle_gamma   90.00
#
_symmetry.space_group_name_H-M   'P 41 21 2'
#
loop_
_entity.id
_entity.type
_entity.pdbx_description
1 polymer 'DNA POLYMERASE ETA'
2 polymer "5'-D(*GP*TP*GP*GP*AP*TP*GP*AP*G)-3'"
3 polymer "5'-D(*CP*8FG*CP*TP*CP*AP*TP*CP*CP*AP*C)-3'"
4 non-polymer 'CALCIUM ION'
5 water water
#
loop_
_entity_poly.entity_id
_entity_poly.type
_entity_poly.pdbx_seq_one_letter_code
_entity_poly.pdbx_strand_id
1 'polypeptide(L)'
;MASWSHPQFEKGASTSLYKKAGRMSKFTWKELIQLGSPSKAYESSLACIAHIDMNAFFAQVEQMRCGLSKEDPVVCVQWN
SIIAVSYAARKYGISRMDTIQEALKKCSNLIPIHTAVFKKGEDFWQYHDGCGSWVQDPAKQISVEDHKVSLEPYRRESRK
ALKIFKSACDLVERASIDEVFLDLGRICFNMLMFDNEYELTGDLKLKDALSNIREAFIGGNYDINSHLPLIPEKIKSLKF
EGDVFNPEGRDLITDWDDVILALGSQVCKGIRDSIKDILGYTTSCGLSSTKNVCKLASNYKKPDAQTIVKNDCLLDFLDC
GKFEITSFWTLGGVLGKELIDVLDLPHENSIKHIRETWPDNAGQLKEFLDAKVKQSDYDRSTSNIDPLKTADLAEKLFKL
SRGRYGLPLSSRPVVKSMMSNKNLRGKSCNSIVDCISWLEVFCAELTSRIQDLEQEYNKIVIPRTVSISLKTKSYEVYRK
SGPVAYKGINFQSHELLKVGIKFVTDLDIKGKNKSYYPLTKLSMTITNFDIIDLQK
;
A,B
2 'polydeoxyribonucleotide' (DG)(DT)(DG)(DG)(DA)(DT)(DG)(DA)(DG) P,Q
3 'polydeoxyribonucleotide' (DC)(8FG)(DC)(DT)(DC)(DA)(DT)(DC)(DC)(DA)(DC) T,U
#
loop_
_chem_comp.id
_chem_comp.type
_chem_comp.name
_chem_comp.formula
8FG DNA linking N-(5'-PHOSPHO-2'-DEOXYGUANOSIN-8-YL)-2-ACETYLAMINOFLUORENE 'C25 H25 N6 O8 P'
CA non-polymer 'CALCIUM ION' 'Ca 2'
DA DNA linking 2'-DEOXYADENOSINE-5'-MONOPHOSPHATE 'C10 H14 N5 O6 P'
DC DNA linking 2'-DEOXYCYTIDINE-5'-MONOPHOSPHATE 'C9 H14 N3 O7 P'
DG DNA linking 2'-DEOXYGUANOSINE-5'-MONOPHOSPHATE 'C10 H14 N5 O7 P'
DT DNA linking THYMIDINE-5'-MONOPHOSPHATE 'C10 H15 N2 O8 P'
#
# COMPACT_ATOMS: atom_id res chain seq x y z
N ARG A 23 19.69 -20.75 -21.24
CA ARG A 23 20.48 -21.09 -19.99
C ARG A 23 20.12 -20.21 -18.75
N MET A 24 19.29 -19.17 -18.98
CA MET A 24 18.72 -18.35 -17.91
C MET A 24 17.18 -18.22 -18.09
N SER A 25 16.57 -17.45 -17.21
CA SER A 25 15.15 -17.17 -17.25
C SER A 25 14.83 -16.14 -18.31
N LYS A 26 13.61 -16.20 -18.80
CA LYS A 26 13.11 -15.23 -19.73
C LYS A 26 13.03 -13.86 -19.07
N PHE A 27 12.63 -13.87 -17.81
CA PHE A 27 12.45 -12.67 -16.99
C PHE A 27 13.68 -12.09 -16.30
N THR A 28 13.55 -10.82 -15.89
CA THR A 28 14.62 -10.12 -15.20
C THR A 28 14.30 -9.90 -13.72
N TRP A 29 15.34 -9.66 -12.95
CA TRP A 29 15.18 -9.27 -11.56
C TRP A 29 14.21 -8.12 -11.37
N LYS A 30 14.32 -7.07 -12.17
CA LYS A 30 13.40 -5.95 -12.11
C LYS A 30 11.96 -6.45 -12.06
N GLU A 31 11.62 -7.35 -12.95
CA GLU A 31 10.25 -7.87 -13.06
C GLU A 31 9.83 -8.69 -11.84
N LEU A 32 10.76 -9.41 -11.25
CA LEU A 32 10.47 -10.16 -10.06
C LEU A 32 10.24 -9.23 -8.88
N ILE A 33 11.20 -8.34 -8.60
CA ILE A 33 11.11 -7.43 -7.46
C ILE A 33 9.84 -6.56 -7.52
N GLN A 34 9.42 -6.25 -8.73
CA GLN A 34 8.28 -5.39 -8.93
C GLN A 34 7.02 -5.93 -8.25
N LEU A 35 6.90 -7.24 -8.14
CA LEU A 35 5.75 -7.84 -7.53
C LEU A 35 5.56 -7.29 -6.13
N GLY A 36 6.66 -6.95 -5.49
CA GLY A 36 6.68 -6.33 -4.18
C GLY A 36 6.02 -4.97 -4.09
N SER A 37 6.10 -4.18 -5.16
CA SER A 37 5.49 -2.86 -5.15
C SER A 37 4.00 -2.93 -5.45
N PRO A 38 3.17 -2.15 -4.73
CA PRO A 38 1.73 -2.16 -5.01
C PRO A 38 1.32 -1.18 -6.09
N SER A 39 2.17 -0.19 -6.34
CA SER A 39 1.94 0.76 -7.41
C SER A 39 2.24 0.10 -8.74
N LYS A 40 3.24 -0.76 -8.78
CA LYS A 40 3.76 -1.21 -10.06
C LYS A 40 3.64 -2.73 -10.39
N ALA A 41 3.07 -3.53 -9.50
CA ALA A 41 3.10 -5.00 -9.66
C ALA A 41 2.38 -5.57 -10.92
N TYR A 42 1.41 -4.83 -11.48
CA TYR A 42 0.69 -5.26 -12.70
C TYR A 42 1.47 -5.08 -14.02
N GLU A 43 2.47 -4.18 -14.06
CA GLU A 43 3.29 -3.97 -15.29
C GLU A 43 4.18 -5.15 -15.62
N SER A 44 4.65 -5.82 -14.58
CA SER A 44 5.54 -6.98 -14.72
C SER A 44 4.86 -8.08 -15.53
N SER A 45 5.61 -8.72 -16.44
CA SER A 45 5.09 -9.95 -17.13
C SER A 45 4.74 -11.03 -16.10
N LEU A 46 5.48 -11.04 -14.99
CA LEU A 46 5.22 -11.92 -13.85
C LEU A 46 4.03 -11.56 -12.97
N ALA A 47 3.13 -10.66 -13.35
CA ALA A 47 1.96 -10.40 -12.51
C ALA A 47 1.23 -11.68 -12.05
N CYS A 48 0.61 -11.63 -10.87
CA CYS A 48 -0.28 -12.69 -10.45
C CYS A 48 -1.61 -12.10 -9.97
N ILE A 49 -2.61 -12.12 -10.85
CA ILE A 49 -3.90 -11.51 -10.62
C ILE A 49 -4.95 -12.60 -10.47
N ALA A 50 -5.94 -12.36 -9.61
CA ALA A 50 -7.04 -13.28 -9.40
C ALA A 50 -8.30 -12.48 -9.61
N HIS A 51 -9.31 -13.11 -10.17
CA HIS A 51 -10.65 -12.54 -10.20
C HIS A 51 -11.54 -13.51 -9.48
N ILE A 52 -12.31 -13.02 -8.52
CA ILE A 52 -13.15 -13.89 -7.70
C ILE A 52 -14.59 -13.45 -7.82
N ASP A 53 -15.40 -14.40 -8.24
CA ASP A 53 -16.80 -14.18 -8.49
C ASP A 53 -17.66 -15.06 -7.61
N MET A 54 -18.64 -14.44 -6.95
CA MET A 54 -19.62 -15.18 -6.20
C MET A 54 -20.80 -15.24 -7.14
N ASN A 55 -21.09 -16.42 -7.66
CA ASN A 55 -22.18 -16.57 -8.62
C ASN A 55 -23.54 -16.68 -7.99
N ALA A 56 -24.55 -16.25 -8.74
CA ALA A 56 -25.92 -16.30 -8.23
C ALA A 56 -25.99 -15.58 -6.87
N PHE A 57 -25.32 -14.44 -6.81
CA PHE A 57 -24.99 -13.88 -5.51
C PHE A 57 -26.26 -13.74 -4.68
N PHE A 58 -27.28 -13.09 -5.24
CA PHE A 58 -28.48 -12.79 -4.48
C PHE A 58 -29.15 -14.08 -4.01
N ALA A 59 -29.13 -15.09 -4.87
CA ALA A 59 -29.68 -16.39 -4.52
C ALA A 59 -28.92 -17.00 -3.36
N GLN A 60 -27.61 -16.85 -3.34
CA GLN A 60 -26.82 -17.39 -2.23
C GLN A 60 -27.14 -16.65 -0.94
N VAL A 61 -27.36 -15.35 -1.04
CA VAL A 61 -27.63 -14.53 0.12
C VAL A 61 -28.89 -15.02 0.78
N GLU A 62 -29.94 -15.15 -0.02
CA GLU A 62 -31.23 -15.63 0.47
C GLU A 62 -31.13 -17.08 0.94
N GLN A 63 -30.38 -17.87 0.18
CA GLN A 63 -30.21 -19.27 0.52
C GLN A 63 -29.64 -19.31 1.93
N MET A 64 -28.60 -18.54 2.18
CA MET A 64 -27.91 -18.61 3.48
C MET A 64 -28.77 -18.01 4.59
N ARG A 65 -29.53 -16.95 4.25
CA ARG A 65 -30.31 -16.24 5.24
C ARG A 65 -31.37 -17.17 5.83
N CYS A 66 -32.02 -17.93 4.96
CA CYS A 66 -33.07 -18.86 5.36
C CYS A 66 -32.58 -20.25 5.84
N GLY A 67 -31.27 -20.43 6.00
CA GLY A 67 -30.73 -21.70 6.51
C GLY A 67 -30.76 -22.84 5.50
N LEU A 68 -31.01 -22.50 4.24
CA LEU A 68 -31.12 -23.51 3.20
C LEU A 68 -29.72 -23.93 2.75
N SER A 69 -29.62 -24.97 1.93
CA SER A 69 -28.32 -25.47 1.50
C SER A 69 -28.17 -25.32 0.01
N LYS A 70 -26.96 -25.51 -0.50
CA LYS A 70 -26.71 -25.30 -1.94
C LYS A 70 -27.56 -26.25 -2.80
N GLU A 71 -27.92 -27.41 -2.24
CA GLU A 71 -28.80 -28.36 -2.92
C GLU A 71 -30.30 -27.93 -3.05
N ASP A 72 -30.73 -26.87 -2.35
CA ASP A 72 -32.12 -26.40 -2.44
C ASP A 72 -32.32 -25.43 -3.62
N PRO A 73 -33.36 -25.61 -4.43
CA PRO A 73 -33.52 -24.77 -5.61
C PRO A 73 -34.15 -23.41 -5.35
N VAL A 74 -33.36 -22.50 -4.81
CA VAL A 74 -33.75 -21.14 -4.53
C VAL A 74 -33.66 -20.22 -5.74
N VAL A 75 -34.60 -19.29 -5.86
CA VAL A 75 -34.55 -18.26 -6.87
C VAL A 75 -34.84 -16.93 -6.20
N CYS A 76 -34.17 -15.88 -6.63
CA CYS A 76 -34.41 -14.57 -6.07
C CYS A 76 -35.37 -13.82 -6.98
N VAL A 77 -36.42 -13.30 -6.38
CA VAL A 77 -37.45 -12.60 -7.10
C VAL A 77 -37.73 -11.16 -6.73
N GLN A 78 -38.03 -10.36 -7.73
CA GLN A 78 -38.39 -8.98 -7.55
C GLN A 78 -39.64 -8.86 -8.39
N TRP A 79 -40.78 -8.54 -7.77
CA TRP A 79 -42.03 -8.42 -8.52
C TRP A 79 -42.29 -9.74 -9.23
N ASN A 80 -42.45 -9.71 -10.54
CA ASN A 80 -42.68 -10.92 -11.29
C ASN A 80 -41.44 -11.47 -11.98
N SER A 81 -40.30 -10.85 -11.75
CA SER A 81 -39.07 -11.29 -12.38
C SER A 81 -38.09 -12.06 -11.52
N ILE A 82 -37.41 -13.03 -12.11
CA ILE A 82 -36.43 -13.79 -11.39
C ILE A 82 -35.16 -13.04 -11.64
N ILE A 83 -34.56 -12.52 -10.59
CA ILE A 83 -33.33 -11.72 -10.72
C ILE A 83 -32.06 -12.45 -10.32
N ALA A 84 -32.18 -13.66 -9.77
CA ALA A 84 -31.00 -14.49 -9.53
C ALA A 84 -31.45 -15.93 -9.40
N VAL A 85 -30.71 -16.85 -10.02
CA VAL A 85 -31.07 -18.26 -10.03
C VAL A 85 -29.94 -19.10 -9.51
N SER A 86 -30.20 -19.81 -8.43
CA SER A 86 -29.22 -20.70 -7.84
C SER A 86 -28.89 -21.83 -8.79
N TYR A 87 -27.76 -22.45 -8.57
CA TYR A 87 -27.30 -23.50 -9.46
C TYR A 87 -28.10 -24.77 -9.31
N ALA A 88 -28.49 -25.12 -8.10
CA ALA A 88 -29.48 -26.18 -7.94
C ALA A 88 -30.69 -26.01 -8.87
N ALA A 89 -31.17 -24.79 -9.04
CA ALA A 89 -32.36 -24.56 -9.87
C ALA A 89 -32.00 -24.42 -11.34
N ARG A 90 -30.77 -24.03 -11.64
CA ARG A 90 -30.32 -24.04 -13.03
C ARG A 90 -30.32 -25.44 -13.60
N LYS A 91 -29.97 -26.42 -12.75
CA LYS A 91 -29.97 -27.82 -13.14
C LYS A 91 -31.33 -28.32 -13.62
N TYR A 92 -32.41 -27.67 -13.17
CA TYR A 92 -33.77 -27.93 -13.65
C TYR A 92 -34.15 -27.08 -14.85
N GLY A 93 -33.16 -26.47 -15.51
CA GLY A 93 -33.41 -25.65 -16.72
C GLY A 93 -33.90 -24.23 -16.47
N ILE A 94 -33.95 -23.82 -15.21
CA ILE A 94 -34.43 -22.50 -14.85
C ILE A 94 -33.43 -21.42 -15.19
N SER A 95 -33.96 -20.33 -15.72
CA SER A 95 -33.18 -19.21 -16.19
C SER A 95 -33.87 -17.89 -15.87
N ARG A 96 -33.12 -16.81 -15.93
CA ARG A 96 -33.67 -15.49 -15.65
C ARG A 96 -34.74 -14.99 -16.62
N MET A 97 -34.71 -15.45 -17.86
CA MET A 97 -35.74 -15.02 -18.80
C MET A 97 -37.11 -15.58 -18.42
N ASP A 98 -37.10 -16.63 -17.62
CA ASP A 98 -38.32 -17.29 -17.12
C ASP A 98 -39.15 -16.45 -16.17
N THR A 99 -40.45 -16.52 -16.32
CA THR A 99 -41.31 -15.96 -15.34
C THR A 99 -41.30 -17.01 -14.27
N ILE A 100 -41.70 -16.59 -13.08
CA ILE A 100 -41.78 -17.43 -11.92
C ILE A 100 -42.81 -18.52 -12.16
N GLN A 101 -43.89 -18.17 -12.83
CA GLN A 101 -44.91 -19.13 -13.19
C GLN A 101 -44.33 -20.16 -14.16
N GLU A 102 -43.58 -19.69 -15.15
CA GLU A 102 -42.82 -20.57 -16.04
C GLU A 102 -41.82 -21.41 -15.22
N ALA A 103 -41.23 -20.81 -14.18
CA ALA A 103 -40.22 -21.49 -13.36
C ALA A 103 -40.80 -22.64 -12.55
N LEU A 104 -41.91 -22.38 -11.89
CA LEU A 104 -42.60 -23.41 -11.11
C LEU A 104 -42.91 -24.65 -11.96
N LYS A 105 -43.32 -24.43 -13.21
CA LYS A 105 -43.59 -25.54 -14.15
C LYS A 105 -42.44 -26.54 -14.22
N LYS A 106 -41.20 -26.06 -14.28
CA LYS A 106 -40.03 -26.92 -14.49
C LYS A 106 -39.53 -27.62 -13.22
N CYS A 107 -39.73 -27.01 -12.05
CA CYS A 107 -39.12 -27.52 -10.82
C CYS A 107 -40.09 -27.91 -9.72
N SER A 108 -41.21 -27.20 -9.57
CA SER A 108 -42.26 -27.65 -8.64
C SER A 108 -41.87 -27.54 -7.18
N ASN A 109 -40.78 -28.19 -6.77
CA ASN A 109 -40.20 -27.94 -5.45
C ASN A 109 -39.23 -26.71 -5.40
N LEU A 110 -39.34 -25.84 -6.39
CA LEU A 110 -38.71 -24.51 -6.41
C LEU A 110 -39.00 -23.73 -5.14
N ILE A 111 -38.02 -22.97 -4.67
CA ILE A 111 -38.18 -22.14 -3.50
C ILE A 111 -37.94 -20.69 -3.91
N PRO A 112 -39.01 -19.98 -4.30
CA PRO A 112 -38.91 -18.57 -4.64
C PRO A 112 -38.92 -17.70 -3.38
N ILE A 113 -37.97 -16.76 -3.32
CA ILE A 113 -37.78 -15.88 -2.17
C ILE A 113 -37.70 -14.44 -2.62
N HIS A 114 -38.64 -13.62 -2.19
CA HIS A 114 -38.72 -12.26 -2.68
C HIS A 114 -37.70 -11.38 -2.00
N THR A 115 -37.16 -10.40 -2.72
CA THR A 115 -36.28 -9.41 -2.12
C THR A 115 -37.03 -8.61 -1.06
N ALA A 116 -36.33 -8.08 -0.07
CA ALA A 116 -36.94 -7.25 0.96
C ALA A 116 -37.53 -5.97 0.36
N VAL A 117 -38.59 -5.45 0.97
CA VAL A 117 -39.26 -4.27 0.47
C VAL A 117 -39.57 -3.22 1.51
N PHE A 118 -39.71 -1.98 1.06
CA PHE A 118 -40.18 -0.88 1.89
C PHE A 118 -41.65 -0.74 1.59
N LYS A 119 -42.47 -0.59 2.61
CA LYS A 119 -43.89 -0.24 2.39
C LYS A 119 -44.07 1.26 2.53
N LYS A 120 -44.98 1.82 1.73
CA LYS A 120 -45.25 3.26 1.71
C LYS A 120 -45.52 3.79 3.12
N GLY A 121 -44.84 4.88 3.49
CA GLY A 121 -44.96 5.46 4.82
C GLY A 121 -44.30 4.68 5.96
N GLU A 122 -43.30 3.87 5.66
CA GLU A 122 -42.47 3.23 6.65
C GLU A 122 -41.02 3.56 6.34
N ASP A 123 -40.17 3.69 7.37
CA ASP A 123 -38.79 4.03 7.08
C ASP A 123 -37.81 2.88 7.35
N PHE A 124 -38.31 1.69 7.10
CA PHE A 124 -37.55 0.47 7.29
C PHE A 124 -38.03 -0.54 6.25
N TRP A 125 -37.13 -1.42 5.85
CA TRP A 125 -37.47 -2.45 4.90
C TRP A 125 -37.74 -3.73 5.66
N GLN A 126 -38.44 -4.64 5.00
CA GLN A 126 -38.80 -5.89 5.61
C GLN A 126 -38.84 -7.04 4.64
N TYR A 127 -38.74 -8.24 5.18
CA TYR A 127 -38.84 -9.45 4.42
C TYR A 127 -40.19 -10.04 4.72
N HIS A 128 -40.91 -10.41 3.67
CA HIS A 128 -42.20 -11.05 3.80
C HIS A 128 -42.06 -12.40 3.17
N ASP A 129 -41.40 -13.32 3.86
CA ASP A 129 -41.20 -14.67 3.34
C ASP A 129 -42.55 -15.36 3.22
N GLY A 130 -42.67 -16.27 2.26
CA GLY A 130 -43.94 -16.92 1.98
C GLY A 130 -44.95 -15.99 1.35
N CYS A 131 -44.48 -14.87 0.81
CA CYS A 131 -45.32 -13.96 0.05
C CYS A 131 -44.68 -13.60 -1.30
N GLY A 132 -45.51 -13.12 -2.23
CA GLY A 132 -45.10 -12.86 -3.60
C GLY A 132 -46.20 -13.26 -4.60
N SER A 133 -46.00 -12.90 -5.87
CA SER A 133 -47.02 -13.07 -6.90
C SER A 133 -47.40 -14.52 -7.22
N TRP A 134 -46.63 -15.49 -6.72
CA TRP A 134 -46.84 -16.89 -7.03
C TRP A 134 -47.71 -17.60 -6.01
N VAL A 135 -48.05 -16.92 -4.92
CA VAL A 135 -48.88 -17.52 -3.87
C VAL A 135 -50.33 -17.26 -4.22
N GLN A 136 -51.18 -18.27 -4.03
CA GLN A 136 -52.62 -18.12 -4.36
C GLN A 136 -53.33 -17.19 -3.36
N ASP A 137 -53.05 -17.40 -2.08
CA ASP A 137 -53.65 -16.65 -0.97
C ASP A 137 -53.56 -15.11 -1.19
N PRO A 138 -54.72 -14.44 -1.32
CA PRO A 138 -54.71 -12.97 -1.57
C PRO A 138 -54.21 -12.09 -0.41
N ALA A 139 -54.21 -12.64 0.82
CA ALA A 139 -53.62 -11.95 1.98
C ALA A 139 -52.08 -11.88 1.89
N LYS A 140 -51.47 -12.93 1.35
CA LYS A 140 -50.00 -13.07 1.24
C LYS A 140 -49.41 -12.57 -0.09
N GLN A 141 -49.72 -11.32 -0.45
CA GLN A 141 -49.22 -10.71 -1.70
C GLN A 141 -48.32 -9.51 -1.40
N ILE A 142 -47.27 -9.32 -2.20
CA ILE A 142 -46.45 -8.12 -2.09
C ILE A 142 -46.87 -7.19 -3.21
N SER A 143 -47.77 -6.29 -2.84
CA SER A 143 -48.33 -5.33 -3.76
C SER A 143 -47.31 -4.34 -4.26
N VAL A 144 -47.18 -4.28 -5.57
CA VAL A 144 -46.27 -3.38 -6.26
C VAL A 144 -46.59 -1.91 -6.04
N GLU A 145 -47.87 -1.60 -5.96
CA GLU A 145 -48.32 -0.22 -5.85
C GLU A 145 -47.82 0.54 -4.63
N ASP A 146 -47.77 -0.09 -3.48
CA ASP A 146 -47.29 0.59 -2.28
C ASP A 146 -45.96 0.07 -1.74
N HIS A 147 -45.19 -0.63 -2.56
CA HIS A 147 -43.93 -1.18 -2.12
C HIS A 147 -42.75 -0.84 -2.99
N LYS A 148 -41.57 -0.80 -2.38
CA LYS A 148 -40.34 -0.57 -3.10
C LYS A 148 -39.32 -1.58 -2.61
N VAL A 149 -38.59 -2.20 -3.52
CA VAL A 149 -37.60 -3.18 -3.14
C VAL A 149 -36.35 -2.59 -2.53
N SER A 150 -35.70 -3.36 -1.68
CA SER A 150 -34.45 -2.96 -1.08
C SER A 150 -33.37 -3.95 -1.45
N LEU A 151 -32.25 -3.43 -1.92
CA LEU A 151 -31.09 -4.25 -2.25
C LEU A 151 -30.05 -4.20 -1.15
N GLU A 152 -30.42 -3.59 -0.03
CA GLU A 152 -29.55 -3.49 1.14
C GLU A 152 -28.97 -4.81 1.62
N PRO A 153 -29.79 -5.86 1.73
CA PRO A 153 -29.18 -7.05 2.27
C PRO A 153 -28.01 -7.53 1.44
N TYR A 154 -28.08 -7.35 0.14
CA TYR A 154 -27.07 -7.84 -0.77
C TYR A 154 -25.83 -6.98 -0.66
N ARG A 155 -26.03 -5.66 -0.58
CA ARG A 155 -24.95 -4.71 -0.35
C ARG A 155 -24.18 -4.97 0.93
N ARG A 156 -24.91 -5.36 1.98
CA ARG A 156 -24.28 -5.65 3.26
C ARG A 156 -23.47 -6.91 3.20
N GLU A 157 -23.92 -7.89 2.43
CA GLU A 157 -23.22 -9.17 2.40
C GLU A 157 -21.95 -9.04 1.57
N SER A 158 -22.00 -8.19 0.55
CA SER A 158 -20.86 -7.90 -0.31
C SER A 158 -19.74 -7.24 0.49
N ARG A 159 -20.14 -6.36 1.38
CA ARG A 159 -19.27 -5.64 2.26
C ARG A 159 -18.56 -6.62 3.19
N LYS A 160 -19.27 -7.64 3.66
CA LYS A 160 -18.69 -8.66 4.50
C LYS A 160 -17.61 -9.45 3.78
N ALA A 161 -17.87 -9.80 2.52
CA ALA A 161 -16.92 -10.47 1.67
C ALA A 161 -15.66 -9.66 1.50
N LEU A 162 -15.78 -8.36 1.26
CA LEU A 162 -14.62 -7.49 1.03
C LEU A 162 -13.66 -7.52 2.19
N LYS A 163 -14.18 -7.25 3.38
CA LYS A 163 -13.42 -7.31 4.61
C LYS A 163 -12.59 -8.59 4.69
N ILE A 164 -13.18 -9.71 4.31
CA ILE A 164 -12.42 -10.96 4.36
C ILE A 164 -11.31 -10.90 3.32
N PHE A 165 -11.66 -10.45 2.11
CA PHE A 165 -10.68 -10.34 1.01
C PHE A 165 -9.56 -9.39 1.38
N LYS A 166 -9.93 -8.20 1.87
CA LYS A 166 -8.96 -7.17 2.28
C LYS A 166 -8.08 -7.55 3.47
N SER A 167 -8.47 -8.56 4.25
CA SER A 167 -7.65 -9.10 5.34
C SER A 167 -6.56 -10.03 4.82
N ALA A 168 -6.77 -10.58 3.64
CA ALA A 168 -5.88 -11.60 3.10
C ALA A 168 -4.95 -11.01 2.03
N CYS A 169 -5.29 -9.83 1.52
CA CYS A 169 -4.57 -9.22 0.42
C CYS A 169 -4.53 -7.70 0.56
N ASP A 170 -3.39 -7.10 0.20
CA ASP A 170 -3.18 -5.67 0.41
C ASP A 170 -3.60 -4.79 -0.76
N LEU A 171 -4.07 -5.40 -1.84
CA LEU A 171 -4.59 -4.64 -2.97
C LEU A 171 -5.73 -5.45 -3.56
N VAL A 172 -6.92 -4.90 -3.33
CA VAL A 172 -8.16 -5.55 -3.62
C VAL A 172 -9.02 -4.51 -4.27
N GLU A 173 -9.51 -4.81 -5.46
CA GLU A 173 -10.42 -3.93 -6.14
C GLU A 173 -11.79 -4.58 -6.15
N ARG A 174 -12.80 -3.79 -5.79
CA ARG A 174 -14.21 -4.17 -5.91
C ARG A 174 -14.67 -3.92 -7.34
N ALA A 175 -14.79 -4.98 -8.14
CA ALA A 175 -15.22 -4.79 -9.53
C ALA A 175 -16.71 -4.58 -9.60
N SER A 176 -17.44 -5.28 -8.74
CA SER A 176 -18.90 -5.15 -8.69
C SER A 176 -19.38 -5.63 -7.33
N ILE A 177 -20.68 -5.69 -7.14
CA ILE A 177 -21.25 -6.12 -5.88
C ILE A 177 -20.87 -7.56 -5.54
N ASP A 178 -20.58 -8.37 -6.55
CA ASP A 178 -20.24 -9.78 -6.32
C ASP A 178 -18.93 -10.23 -6.93
N GLU A 179 -18.03 -9.28 -7.20
CA GLU A 179 -16.73 -9.58 -7.83
C GLU A 179 -15.64 -8.69 -7.26
N VAL A 180 -14.47 -9.29 -7.03
CA VAL A 180 -13.25 -8.56 -6.69
C VAL A 180 -12.10 -8.98 -7.58
N PHE A 181 -11.10 -8.13 -7.68
CA PHE A 181 -9.83 -8.52 -8.23
C PHE A 181 -8.86 -8.47 -7.08
N LEU A 182 -7.86 -9.33 -7.08
CA LEU A 182 -6.76 -9.29 -6.11
C LEU A 182 -5.45 -9.28 -6.86
N ASP A 183 -4.47 -8.56 -6.34
CA ASP A 183 -3.13 -8.59 -6.88
C ASP A 183 -2.40 -9.35 -5.82
N LEU A 184 -1.94 -10.54 -6.14
CA LEU A 184 -1.30 -11.40 -5.17
C LEU A 184 0.21 -11.31 -5.13
N GLY A 185 0.77 -10.36 -5.86
CA GLY A 185 2.20 -10.25 -5.96
C GLY A 185 2.99 -9.99 -4.70
N ARG A 186 2.50 -9.15 -3.80
CA ARG A 186 3.26 -9.23 -2.54
CA ARG A 186 3.22 -9.27 -2.61
C ARG A 186 3.18 -10.59 -1.87
N ILE A 187 2.06 -11.28 -1.77
CA ILE A 187 2.01 -12.56 -1.11
C ILE A 187 2.87 -13.59 -1.81
N CYS A 188 2.82 -13.63 -3.13
CA CYS A 188 3.61 -14.61 -3.87
C CYS A 188 5.11 -14.35 -3.78
N PHE A 189 5.52 -13.10 -3.95
CA PHE A 189 6.93 -12.73 -3.79
C PHE A 189 7.48 -13.04 -2.41
N ASN A 190 6.74 -12.68 -1.37
CA ASN A 190 7.18 -12.95 -0.01
C ASN A 190 7.18 -14.45 0.28
N MET A 191 6.21 -15.19 -0.22
CA MET A 191 6.26 -16.64 -0.06
C MET A 191 7.55 -17.16 -0.66
N LEU A 192 7.82 -16.75 -1.89
CA LEU A 192 8.95 -17.24 -2.66
C LEU A 192 10.29 -16.95 -2.05
N MET A 193 10.48 -15.75 -1.50
CA MET A 193 11.75 -15.41 -0.89
C MET A 193 11.91 -15.69 0.60
N PHE A 194 10.83 -15.61 1.37
CA PHE A 194 10.94 -15.78 2.82
C PHE A 194 10.14 -16.85 3.57
N ASP A 195 9.22 -17.53 2.93
CA ASP A 195 8.43 -18.53 3.65
C ASP A 195 9.21 -19.81 3.90
N ASN A 196 9.50 -20.05 5.18
CA ASN A 196 10.24 -21.24 5.59
C ASN A 196 9.36 -22.37 6.10
N GLU A 197 8.05 -22.14 6.13
CA GLU A 197 7.13 -23.15 6.61
C GLU A 197 6.52 -24.06 5.55
N TYR A 198 6.36 -23.53 4.34
CA TYR A 198 5.64 -24.22 3.28
C TYR A 198 6.45 -25.41 2.78
N GLU A 199 5.79 -26.55 2.61
CA GLU A 199 6.47 -27.76 2.17
C GLU A 199 5.99 -28.22 0.81
N LEU A 200 6.90 -28.39 -0.13
CA LEU A 200 6.53 -28.89 -1.46
C LEU A 200 6.02 -30.29 -1.32
N THR A 201 6.72 -31.05 -0.49
CA THR A 201 6.37 -32.42 -0.20
C THR A 201 6.92 -32.74 1.18
N GLY A 202 6.39 -33.75 1.84
CA GLY A 202 6.95 -34.08 3.16
C GLY A 202 8.47 -34.23 3.14
N ASP A 203 9.00 -34.54 1.95
CA ASP A 203 10.44 -34.66 1.74
C ASP A 203 11.16 -33.31 1.59
N LEU A 204 10.47 -32.31 1.03
CA LEU A 204 11.12 -31.07 0.55
C LEU A 204 10.36 -29.77 0.88
N LYS A 205 11.08 -28.82 1.50
CA LYS A 205 10.57 -27.49 1.83
C LYS A 205 10.96 -26.46 0.78
N LEU A 206 10.13 -25.41 0.63
CA LEU A 206 10.43 -24.28 -0.26
C LEU A 206 11.82 -23.70 -0.06
N LYS A 207 12.19 -23.45 1.19
CA LYS A 207 13.46 -22.81 1.50
C LYS A 207 14.62 -23.57 0.85
N ASP A 208 14.52 -24.90 0.84
CA ASP A 208 15.61 -25.74 0.33
C ASP A 208 15.56 -25.80 -1.20
N ALA A 209 14.37 -25.92 -1.77
CA ALA A 209 14.22 -25.98 -3.23
C ALA A 209 14.58 -24.66 -3.91
N LEU A 210 14.23 -23.54 -3.28
CA LEU A 210 14.46 -22.22 -3.84
C LEU A 210 15.70 -21.55 -3.24
N SER A 211 16.57 -22.34 -2.60
CA SER A 211 17.72 -21.80 -1.87
C SER A 211 18.62 -20.97 -2.76
N ASN A 212 18.77 -21.41 -4.00
CA ASN A 212 19.60 -20.71 -4.98
C ASN A 212 19.18 -19.23 -5.20
N ILE A 213 17.97 -19.02 -5.71
CA ILE A 213 17.43 -17.68 -5.94
C ILE A 213 17.36 -16.83 -4.67
N ARG A 214 17.12 -17.44 -3.52
CA ARG A 214 17.07 -16.70 -2.25
C ARG A 214 18.42 -16.14 -1.87
N GLU A 215 19.47 -16.96 -2.01
CA GLU A 215 20.84 -16.50 -1.76
C GLU A 215 21.19 -15.39 -2.71
N ALA A 216 20.78 -15.51 -3.98
CA ALA A 216 21.11 -14.49 -4.97
C ALA A 216 20.36 -13.20 -4.69
N PHE A 217 19.16 -13.32 -4.14
CA PHE A 217 18.37 -12.14 -3.89
C PHE A 217 19.03 -11.38 -2.78
N ILE A 218 19.16 -12.02 -1.63
CA ILE A 218 19.67 -11.36 -0.43
C ILE A 218 21.13 -10.88 -0.62
N GLY A 219 21.90 -11.68 -1.37
CA GLY A 219 23.28 -11.36 -1.70
C GLY A 219 23.45 -10.02 -2.38
N GLY A 220 22.55 -9.71 -3.29
CA GLY A 220 22.54 -8.41 -3.94
C GLY A 220 23.38 -8.28 -5.20
N ASN A 221 24.23 -9.25 -5.51
CA ASN A 221 25.19 -9.12 -6.60
C ASN A 221 24.57 -9.28 -7.99
N TYR A 222 23.48 -8.58 -8.26
CA TYR A 222 22.79 -8.69 -9.54
C TYR A 222 22.40 -7.29 -10.01
N ASP A 223 22.36 -7.13 -11.33
CA ASP A 223 21.88 -5.93 -11.97
C ASP A 223 20.41 -6.14 -12.15
N ILE A 224 19.60 -5.10 -11.99
CA ILE A 224 18.16 -5.30 -12.07
C ILE A 224 17.69 -5.63 -13.49
N ASN A 225 18.49 -5.38 -14.52
CA ASN A 225 18.18 -5.89 -15.88
C ASN A 225 18.74 -7.30 -16.18
N SER A 226 19.48 -7.88 -15.27
CA SER A 226 19.96 -9.24 -15.48
C SER A 226 18.79 -10.22 -15.42
N HIS A 227 18.85 -11.25 -16.25
CA HIS A 227 17.83 -12.27 -16.24
C HIS A 227 18.01 -13.11 -15.00
N LEU A 228 16.90 -13.63 -14.49
CA LEU A 228 16.93 -14.48 -13.33
C LEU A 228 17.52 -15.82 -13.68
N PRO A 229 18.11 -16.49 -12.70
CA PRO A 229 18.60 -17.83 -12.94
C PRO A 229 17.46 -18.76 -13.33
N LEU A 230 17.80 -19.86 -13.99
CA LEU A 230 16.82 -20.86 -14.34
C LEU A 230 16.21 -21.37 -13.08
N ILE A 231 14.92 -21.71 -13.17
CA ILE A 231 14.25 -22.39 -12.08
C ILE A 231 14.97 -23.68 -11.80
N PRO A 232 15.10 -24.06 -10.54
CA PRO A 232 15.72 -25.34 -10.24
C PRO A 232 14.73 -26.51 -10.45
N GLU A 233 15.24 -27.69 -10.69
CA GLU A 233 14.38 -28.83 -10.97
C GLU A 233 13.43 -29.12 -9.84
N LYS A 234 13.87 -28.83 -8.62
CA LYS A 234 13.11 -29.11 -7.41
C LYS A 234 11.76 -28.42 -7.33
N ILE A 235 11.70 -27.21 -7.85
CA ILE A 235 10.51 -26.40 -7.75
C ILE A 235 9.35 -27.00 -8.52
N LYS A 236 9.63 -27.98 -9.35
CA LYS A 236 8.60 -28.60 -10.19
C LYS A 236 7.64 -29.49 -9.39
N SER A 237 8.04 -29.82 -8.17
CA SER A 237 7.17 -30.42 -7.16
C SER A 237 6.05 -29.49 -6.67
N LEU A 238 6.17 -28.19 -6.91
CA LEU A 238 5.18 -27.24 -6.44
C LEU A 238 3.89 -27.54 -7.19
N LYS A 239 2.76 -27.49 -6.49
CA LYS A 239 1.48 -27.93 -7.07
C LYS A 239 0.55 -26.74 -7.28
N PHE A 240 -0.16 -26.77 -8.39
CA PHE A 240 -1.22 -25.83 -8.63
C PHE A 240 -2.49 -26.30 -7.91
N GLU A 241 -3.22 -25.39 -7.32
CA GLU A 241 -4.51 -25.71 -6.76
C GLU A 241 -5.51 -25.24 -7.78
N GLY A 242 -6.43 -26.12 -8.18
CA GLY A 242 -7.42 -25.79 -9.18
C GLY A 242 -7.04 -26.38 -10.53
N ASP A 243 -7.86 -26.11 -11.53
CA ASP A 243 -7.68 -26.66 -12.87
C ASP A 243 -6.77 -25.78 -13.67
N VAL A 244 -5.69 -26.35 -14.19
CA VAL A 244 -4.74 -25.63 -15.04
C VAL A 244 -5.06 -25.81 -16.51
N PHE A 245 -5.61 -24.78 -17.12
CA PHE A 245 -5.99 -24.84 -18.53
C PHE A 245 -4.81 -25.18 -19.43
N ASN A 246 -4.85 -26.36 -20.04
CA ASN A 246 -3.69 -26.91 -20.73
C ASN A 246 -4.07 -27.96 -21.73
N PRO A 247 -4.86 -27.60 -22.73
CA PRO A 247 -5.31 -28.58 -23.71
C PRO A 247 -4.20 -29.15 -24.63
N GLU A 248 -3.06 -28.48 -24.72
CA GLU A 248 -1.95 -29.01 -25.52
C GLU A 248 -0.95 -29.78 -24.68
N GLY A 249 -1.17 -29.90 -23.37
CA GLY A 249 -0.29 -30.72 -22.52
C GLY A 249 1.11 -30.16 -22.33
N ARG A 250 1.20 -28.86 -22.09
CA ARG A 250 2.48 -28.24 -21.76
C ARG A 250 2.89 -28.61 -20.35
N ASP A 251 4.17 -28.41 -20.07
CA ASP A 251 4.70 -28.65 -18.75
C ASP A 251 4.20 -27.58 -17.80
N LEU A 252 3.93 -27.95 -16.56
CA LEU A 252 3.24 -27.04 -15.65
C LEU A 252 4.17 -25.93 -15.17
N ILE A 253 5.34 -26.30 -14.67
CA ILE A 253 6.33 -25.34 -14.22
C ILE A 253 7.52 -25.30 -15.17
N THR A 254 7.64 -24.24 -15.97
CA THR A 254 8.80 -24.10 -16.90
C THR A 254 9.64 -22.83 -16.71
N ASP A 255 9.10 -21.87 -15.95
CA ASP A 255 9.81 -20.62 -15.65
C ASP A 255 9.14 -19.95 -14.44
N TRP A 256 9.72 -18.84 -13.96
CA TRP A 256 9.30 -18.21 -12.70
C TRP A 256 7.85 -17.68 -12.70
N ASP A 257 7.33 -17.35 -13.86
CA ASP A 257 5.96 -16.97 -13.94
C ASP A 257 5.01 -18.10 -13.47
N ASP A 258 5.34 -19.35 -13.78
CA ASP A 258 4.51 -20.48 -13.38
C ASP A 258 4.63 -20.77 -11.87
N VAL A 259 5.82 -20.58 -11.35
CA VAL A 259 6.07 -20.75 -9.93
C VAL A 259 5.23 -19.75 -9.11
N ILE A 260 5.23 -18.49 -9.51
CA ILE A 260 4.44 -17.47 -8.84
C ILE A 260 2.95 -17.77 -8.98
N LEU A 261 2.55 -18.15 -10.18
CA LEU A 261 1.16 -18.46 -10.44
C LEU A 261 0.68 -19.64 -9.56
N ALA A 262 1.56 -20.62 -9.33
CA ALA A 262 1.20 -21.79 -8.54
C ALA A 262 1.09 -21.39 -7.08
N LEU A 263 2.04 -20.59 -6.60
CA LEU A 263 1.93 -20.08 -5.23
C LEU A 263 0.65 -19.28 -5.07
N GLY A 264 0.30 -18.51 -6.09
CA GLY A 264 -0.90 -17.71 -6.06
C GLY A 264 -2.17 -18.53 -5.95
N SER A 265 -2.16 -19.72 -6.55
CA SER A 265 -3.37 -20.53 -6.57
C SER A 265 -3.61 -21.18 -5.22
N GLN A 266 -2.53 -21.41 -4.47
CA GLN A 266 -2.64 -21.91 -3.10
C GLN A 266 -3.24 -20.80 -2.24
N VAL A 267 -2.73 -19.60 -2.41
CA VAL A 267 -3.22 -18.50 -1.63
C VAL A 267 -4.72 -18.27 -1.88
N CYS A 268 -5.16 -18.39 -3.13
CA CYS A 268 -6.55 -18.15 -3.47
C CYS A 268 -7.50 -19.17 -2.89
N LYS A 269 -7.12 -20.44 -2.98
CA LYS A 269 -7.94 -21.47 -2.37
C LYS A 269 -8.15 -21.14 -0.88
N GLY A 270 -7.09 -20.70 -0.20
CA GLY A 270 -7.22 -20.31 1.19
C GLY A 270 -8.22 -19.20 1.41
N ILE A 271 -8.20 -18.20 0.54
CA ILE A 271 -9.08 -17.07 0.69
C ILE A 271 -10.52 -17.48 0.44
N ARG A 272 -10.73 -18.29 -0.58
CA ARG A 272 -12.08 -18.71 -0.94
C ARG A 272 -12.63 -19.65 0.11
N ASP A 273 -11.72 -20.39 0.76
CA ASP A 273 -12.09 -21.29 1.83
C ASP A 273 -12.54 -20.48 3.03
N SER A 274 -11.93 -19.33 3.30
CA SER A 274 -12.40 -18.49 4.39
C SER A 274 -13.77 -17.91 4.08
N ILE A 275 -14.02 -17.57 2.82
CA ILE A 275 -15.30 -17.05 2.42
C ILE A 275 -16.32 -18.16 2.67
N LYS A 276 -16.02 -19.38 2.25
CA LYS A 276 -16.99 -20.47 2.42
C LYS A 276 -17.21 -20.79 3.90
N ASP A 277 -16.15 -20.74 4.70
CA ASP A 277 -16.25 -21.04 6.14
C ASP A 277 -16.95 -19.93 6.90
N ILE A 278 -16.46 -18.70 6.78
CA ILE A 278 -17.08 -17.64 7.53
C ILE A 278 -18.48 -17.37 7.02
N LEU A 279 -18.64 -17.20 5.71
CA LEU A 279 -19.91 -16.73 5.16
C LEU A 279 -20.80 -17.78 4.46
N GLY A 280 -20.22 -18.85 3.95
CA GLY A 280 -20.99 -19.89 3.28
C GLY A 280 -21.20 -19.69 1.79
N TYR A 281 -20.58 -18.67 1.20
CA TYR A 281 -20.74 -18.37 -0.23
C TYR A 281 -19.69 -19.08 -1.11
N THR A 282 -20.13 -19.67 -2.22
CA THR A 282 -19.21 -20.29 -3.19
C THR A 282 -18.71 -19.25 -4.18
N THR A 283 -17.56 -19.51 -4.76
CA THR A 283 -16.94 -18.58 -5.67
C THR A 283 -16.23 -19.31 -6.80
N SER A 284 -16.32 -18.77 -8.00
CA SER A 284 -15.43 -19.11 -9.10
C SER A 284 -14.22 -18.21 -9.00
N CYS A 285 -13.08 -18.68 -9.46
CA CYS A 285 -11.86 -17.88 -9.46
C CYS A 285 -11.00 -18.09 -10.71
N GLY A 286 -10.35 -17.02 -11.18
CA GLY A 286 -9.43 -17.09 -12.31
C GLY A 286 -8.07 -16.50 -11.96
N LEU A 287 -6.99 -17.22 -12.24
CA LEU A 287 -5.64 -16.71 -12.05
C LEU A 287 -4.91 -16.59 -13.38
N SER A 288 -4.22 -15.46 -13.55
CA SER A 288 -3.40 -15.22 -14.73
C SER A 288 -2.60 -13.97 -14.50
N SER A 289 -1.84 -13.52 -15.48
CA SER A 289 -1.02 -12.36 -15.32
C SER A 289 -1.76 -11.04 -15.59
N THR A 290 -3.04 -11.09 -16.01
CA THR A 290 -3.82 -9.86 -16.28
C THR A 290 -5.29 -9.92 -15.88
N LYS A 291 -5.83 -8.77 -15.49
CA LYS A 291 -7.22 -8.65 -15.11
C LYS A 291 -8.17 -9.27 -16.11
N ASN A 292 -8.04 -8.93 -17.40
CA ASN A 292 -9.01 -9.37 -18.41
C ASN A 292 -9.04 -10.90 -18.56
N VAL A 293 -7.87 -11.52 -18.59
CA VAL A 293 -7.82 -12.97 -18.66
C VAL A 293 -8.39 -13.63 -17.38
N CYS A 294 -7.98 -13.13 -16.23
CA CYS A 294 -8.61 -13.50 -14.95
C CYS A 294 -10.12 -13.56 -15.01
N LYS A 295 -10.74 -12.54 -15.58
CA LYS A 295 -12.19 -12.51 -15.64
C LYS A 295 -12.82 -13.56 -16.56
N LEU A 296 -12.20 -13.86 -17.69
CA LEU A 296 -12.70 -14.94 -18.56
C LEU A 296 -12.59 -16.28 -17.84
N ALA A 297 -11.48 -16.44 -17.11
CA ALA A 297 -11.14 -17.67 -16.41
C ALA A 297 -12.06 -17.96 -15.25
N SER A 298 -12.54 -16.93 -14.56
CA SER A 298 -13.49 -17.15 -13.49
C SER A 298 -14.84 -17.62 -14.04
N ASN A 299 -15.20 -17.12 -15.22
CA ASN A 299 -16.50 -17.47 -15.82
C ASN A 299 -16.45 -18.80 -16.56
N TYR A 300 -15.26 -19.30 -16.78
CA TYR A 300 -15.02 -20.52 -17.51
C TYR A 300 -15.66 -21.74 -16.88
N LYS A 301 -15.48 -21.93 -15.59
CA LYS A 301 -16.12 -23.02 -14.89
C LYS A 301 -16.82 -22.55 -13.63
N LYS A 302 -18.11 -22.85 -13.53
CA LYS A 302 -18.89 -22.44 -12.39
C LYS A 302 -19.72 -23.60 -11.98
N PRO A 303 -19.99 -23.77 -10.69
CA PRO A 303 -19.58 -22.87 -9.63
C PRO A 303 -18.61 -23.55 -8.66
N ASP A 304 -18.02 -22.81 -7.74
CA ASP A 304 -17.06 -23.38 -6.76
C ASP A 304 -15.94 -24.05 -7.53
N ALA A 305 -15.25 -23.24 -8.32
CA ALA A 305 -14.26 -23.74 -9.26
C ALA A 305 -13.14 -22.72 -9.40
N GLN A 306 -11.96 -23.20 -9.74
CA GLN A 306 -10.82 -22.34 -9.87
C GLN A 306 -10.04 -22.72 -11.11
N THR A 307 -9.91 -21.76 -12.03
CA THR A 307 -9.27 -21.95 -13.29
C THR A 307 -8.01 -21.12 -13.40
N ILE A 308 -6.91 -21.75 -13.79
CA ILE A 308 -5.62 -21.10 -13.87
C ILE A 308 -5.11 -21.08 -15.31
N VAL A 309 -4.67 -19.92 -15.82
CA VAL A 309 -4.13 -19.79 -17.19
C VAL A 309 -2.66 -19.35 -17.21
N LYS A 310 -1.77 -20.23 -17.63
CA LYS A 310 -0.36 -19.92 -17.70
C LYS A 310 -0.15 -18.99 -18.84
N ASN A 311 0.88 -18.15 -18.78
CA ASN A 311 1.21 -17.30 -19.92
C ASN A 311 1.43 -18.12 -21.21
N ASP A 312 2.03 -19.29 -21.10
CA ASP A 312 2.23 -20.12 -22.28
C ASP A 312 0.96 -20.71 -22.86
N CYS A 313 -0.16 -20.59 -22.15
CA CYS A 313 -1.47 -21.08 -22.60
C CYS A 313 -2.49 -19.97 -22.93
N LEU A 314 -2.06 -18.71 -22.91
CA LEU A 314 -2.99 -17.60 -23.18
C LEU A 314 -3.68 -17.76 -24.52
N LEU A 315 -2.94 -17.98 -25.59
CA LEU A 315 -3.54 -18.10 -26.93
C LEU A 315 -4.42 -19.35 -27.03
N ASP A 316 -3.93 -20.47 -26.52
CA ASP A 316 -4.77 -21.66 -26.36
C ASP A 316 -6.13 -21.30 -25.70
N PHE A 317 -6.06 -20.64 -24.55
CA PHE A 317 -7.24 -20.24 -23.79
C PHE A 317 -8.15 -19.23 -24.50
N LEU A 318 -7.56 -18.24 -25.13
CA LEU A 318 -8.31 -17.22 -25.83
C LEU A 318 -9.09 -17.77 -27.00
N ASP A 319 -8.51 -18.79 -27.62
CA ASP A 319 -9.08 -19.41 -28.80
C ASP A 319 -9.78 -20.75 -28.58
N CYS A 320 -10.12 -21.08 -27.34
CA CYS A 320 -10.67 -22.41 -27.03
C CYS A 320 -12.05 -22.61 -27.61
N GLY A 321 -12.70 -21.52 -28.01
CA GLY A 321 -14.03 -21.55 -28.60
C GLY A 321 -15.08 -20.77 -27.84
N LYS A 322 -14.81 -20.47 -26.57
CA LYS A 322 -15.83 -19.87 -25.71
C LYS A 322 -15.84 -18.36 -25.72
N PHE A 323 -14.79 -17.75 -26.24
CA PHE A 323 -14.63 -16.31 -26.11
C PHE A 323 -14.63 -15.61 -27.43
N GLU A 324 -15.18 -14.42 -27.45
CA GLU A 324 -15.05 -13.53 -28.57
C GLU A 324 -14.46 -12.28 -28.01
N ILE A 325 -14.19 -11.31 -28.86
CA ILE A 325 -13.71 -9.98 -28.44
C ILE A 325 -14.64 -9.33 -27.43
N THR A 326 -15.94 -9.59 -27.60
CA THR A 326 -16.99 -9.02 -26.79
C THR A 326 -17.09 -9.68 -25.39
N SER A 327 -16.39 -10.78 -25.21
CA SER A 327 -16.30 -11.44 -23.92
C SER A 327 -15.43 -10.66 -22.96
N PHE A 328 -14.57 -9.80 -23.47
CA PHE A 328 -13.70 -9.00 -22.63
C PHE A 328 -14.48 -7.97 -21.84
N TRP A 329 -13.95 -7.61 -20.68
CA TRP A 329 -14.54 -6.51 -19.93
C TRP A 329 -14.25 -5.16 -20.59
N THR A 330 -15.29 -4.37 -20.67
CA THR A 330 -15.30 -3.07 -21.34
C THR A 330 -15.69 -3.18 -22.79
N LEU A 331 -15.76 -4.40 -23.28
CA LEU A 331 -16.17 -4.66 -24.63
C LEU A 331 -17.43 -5.50 -24.67
N GLY A 332 -18.04 -5.72 -23.53
CA GLY A 332 -19.22 -6.58 -23.45
C GLY A 332 -20.49 -5.94 -24.01
N GLY A 333 -20.57 -4.61 -23.87
CA GLY A 333 -21.76 -3.90 -24.26
C GLY A 333 -21.72 -3.50 -25.72
N VAL A 334 -21.94 -2.21 -25.95
CA VAL A 334 -22.27 -1.70 -27.26
C VAL A 334 -21.02 -1.43 -28.05
N LEU A 335 -19.96 -0.93 -27.40
CA LEU A 335 -18.68 -0.71 -28.08
C LEU A 335 -18.19 -2.02 -28.70
N GLY A 336 -18.39 -3.11 -27.97
CA GLY A 336 -17.99 -4.43 -28.43
C GLY A 336 -18.75 -4.87 -29.66
N LYS A 337 -20.07 -4.64 -29.67
CA LYS A 337 -20.91 -4.98 -30.83
C LYS A 337 -20.63 -4.07 -32.05
N GLU A 338 -20.17 -2.86 -31.81
CA GLU A 338 -19.82 -1.95 -32.90
C GLU A 338 -18.48 -2.30 -33.52
N LEU A 339 -17.53 -2.74 -32.69
CA LEU A 339 -16.20 -3.15 -33.17
C LEU A 339 -16.31 -4.31 -34.18
N ILE A 340 -17.11 -5.32 -33.83
CA ILE A 340 -17.46 -6.36 -34.77
C ILE A 340 -17.75 -5.76 -36.15
N ASP A 341 -18.61 -4.75 -36.19
CA ASP A 341 -19.07 -4.16 -37.46
C ASP A 341 -18.02 -3.24 -38.07
N VAL A 342 -17.29 -2.48 -37.27
CA VAL A 342 -16.32 -1.55 -37.79
C VAL A 342 -15.03 -2.21 -38.24
N LEU A 343 -14.59 -3.22 -37.48
CA LEU A 343 -13.39 -3.99 -37.83
C LEU A 343 -13.69 -5.23 -38.71
N ASP A 344 -14.94 -5.35 -39.14
CA ASP A 344 -15.39 -6.48 -39.98
C ASP A 344 -14.91 -7.80 -39.41
N LEU A 345 -15.17 -8.01 -38.14
CA LEU A 345 -14.78 -9.24 -37.48
C LEU A 345 -15.80 -10.31 -37.77
N PRO A 346 -15.37 -11.56 -37.72
CA PRO A 346 -16.29 -12.65 -37.88
C PRO A 346 -17.04 -12.90 -36.59
N HIS A 347 -18.22 -13.50 -36.69
CA HIS A 347 -19.07 -13.78 -35.53
C HIS A 347 -18.54 -14.95 -34.67
N GLU A 348 -17.47 -15.59 -35.14
CA GLU A 348 -16.85 -16.72 -34.46
C GLU A 348 -15.35 -16.58 -34.67
N ASN A 349 -14.56 -16.85 -33.63
CA ASN A 349 -13.10 -16.68 -33.63
C ASN A 349 -12.60 -15.28 -33.92
N SER A 350 -13.34 -14.27 -33.50
CA SER A 350 -13.02 -12.88 -33.75
C SER A 350 -11.69 -12.41 -33.19
N ILE A 351 -11.34 -12.88 -32.02
CA ILE A 351 -10.11 -12.75 -31.26
CA ILE A 351 -10.15 -12.80 -31.24
C ILE A 351 -8.89 -13.36 -31.95
N LYS A 352 -8.95 -14.53 -32.58
CA LYS A 352 -7.89 -15.01 -33.45
C LYS A 352 -7.69 -14.14 -34.68
N HIS A 353 -8.80 -13.68 -35.25
CA HIS A 353 -8.80 -12.78 -36.39
C HIS A 353 -8.06 -11.45 -36.15
N ILE A 354 -8.19 -10.85 -34.97
CA ILE A 354 -7.46 -9.61 -34.68
C ILE A 354 -5.97 -9.88 -34.56
N ARG A 355 -5.63 -10.98 -33.92
CA ARG A 355 -4.22 -11.32 -33.67
C ARG A 355 -3.43 -11.46 -34.96
N GLU A 356 -4.07 -12.04 -35.97
CA GLU A 356 -3.41 -12.43 -37.22
C GLU A 356 -3.59 -11.43 -38.37
N THR A 357 -4.80 -10.89 -38.52
CA THR A 357 -5.03 -9.80 -39.48
C THR A 357 -4.05 -8.64 -39.29
N TRP A 358 -3.64 -8.33 -38.05
CA TRP A 358 -2.64 -7.26 -37.76
C TRP A 358 -1.49 -7.82 -36.92
N PRO A 359 -0.66 -8.68 -37.54
CA PRO A 359 0.19 -9.56 -36.74
C PRO A 359 1.50 -9.01 -36.21
N ASP A 360 1.86 -7.77 -36.51
CA ASP A 360 3.24 -7.31 -36.23
C ASP A 360 3.35 -6.18 -35.20
N ASN A 361 2.44 -5.21 -35.24
CA ASN A 361 2.37 -4.15 -34.22
C ASN A 361 1.00 -3.47 -34.16
N ALA A 362 0.75 -2.71 -33.10
CA ALA A 362 -0.51 -2.01 -32.90
C ALA A 362 -0.75 -0.98 -34.01
N GLY A 363 0.32 -0.29 -34.40
CA GLY A 363 0.27 0.65 -35.54
C GLY A 363 -0.49 0.15 -36.76
N GLN A 364 -0.35 -1.12 -37.10
CA GLN A 364 -1.09 -1.66 -38.23
C GLN A 364 -2.58 -1.54 -38.02
N LEU A 365 -3.04 -1.88 -36.83
CA LEU A 365 -4.45 -1.81 -36.47
C LEU A 365 -4.99 -0.38 -36.43
N LYS A 366 -4.19 0.54 -35.93
CA LYS A 366 -4.61 1.91 -35.77
C LYS A 366 -4.97 2.55 -37.09
N GLU A 367 -4.15 2.33 -38.10
CA GLU A 367 -4.40 2.89 -39.42
C GLU A 367 -5.69 2.36 -40.01
N PHE A 368 -5.96 1.08 -39.83
CA PHE A 368 -7.19 0.49 -40.32
C PHE A 368 -8.39 1.20 -39.71
N LEU A 369 -8.29 1.49 -38.41
CA LEU A 369 -9.31 2.23 -37.70
C LEU A 369 -9.45 3.65 -38.20
N ASP A 370 -8.33 4.30 -38.45
CA ASP A 370 -8.34 5.68 -38.89
C ASP A 370 -9.08 5.76 -40.21
N ALA A 371 -8.80 4.80 -41.07
CA ALA A 371 -9.44 4.72 -42.37
C ALA A 371 -10.93 4.50 -42.25
N LYS A 372 -11.29 3.65 -41.30
CA LYS A 372 -12.69 3.30 -41.06
C LYS A 372 -13.61 4.41 -40.55
N VAL A 373 -13.08 5.24 -39.69
CA VAL A 373 -13.85 6.34 -39.12
C VAL A 373 -14.26 7.33 -40.20
N LYS A 374 -13.38 7.48 -41.17
CA LYS A 374 -13.60 8.39 -42.29
C LYS A 374 -14.65 7.87 -43.26
N GLN A 375 -15.10 6.65 -43.04
CA GLN A 375 -16.07 6.03 -43.95
C GLN A 375 -17.48 6.59 -43.87
N SER A 376 -18.23 6.42 -44.95
CA SER A 376 -19.59 6.90 -45.12
C SER A 376 -20.65 6.34 -44.18
N ASP A 377 -20.42 5.15 -43.66
CA ASP A 377 -21.36 4.46 -42.76
C ASP A 377 -20.93 4.55 -41.30
N TYR A 378 -19.93 5.38 -41.02
CA TYR A 378 -19.58 5.74 -39.65
C TYR A 378 -20.38 6.98 -39.22
N ASP A 379 -20.69 7.08 -37.93
CA ASP A 379 -21.54 8.14 -37.44
C ASP A 379 -21.18 8.53 -35.99
N ARG A 380 -20.45 9.65 -35.84
CA ARG A 380 -20.01 10.15 -34.53
C ARG A 380 -21.14 10.38 -33.55
N SER A 381 -22.33 10.64 -34.08
CA SER A 381 -23.55 10.80 -33.29
C SER A 381 -23.82 9.64 -32.33
N THR A 382 -23.68 8.42 -32.83
CA THR A 382 -24.08 7.25 -32.08
C THR A 382 -22.89 6.37 -31.69
N SER A 383 -21.79 6.47 -32.44
CA SER A 383 -20.59 5.67 -32.16
C SER A 383 -20.01 5.90 -30.76
N ASN A 384 -19.40 4.85 -30.21
CA ASN A 384 -18.67 4.91 -28.94
C ASN A 384 -17.13 4.87 -29.13
N ILE A 385 -16.67 5.11 -30.35
CA ILE A 385 -15.23 5.10 -30.64
C ILE A 385 -14.79 6.53 -30.86
N ASP A 386 -13.79 6.97 -30.11
CA ASP A 386 -13.30 8.34 -30.25
C ASP A 386 -12.19 8.32 -31.27
N PRO A 387 -12.43 8.95 -32.44
CA PRO A 387 -11.45 8.96 -33.56
C PRO A 387 -10.12 9.65 -33.28
N LEU A 388 -10.10 10.55 -32.30
CA LEU A 388 -8.86 11.19 -31.88
C LEU A 388 -7.97 10.23 -31.08
N LYS A 389 -8.61 9.26 -30.42
CA LYS A 389 -7.95 8.28 -29.56
C LYS A 389 -7.98 6.87 -30.17
N THR A 390 -7.58 6.78 -31.43
CA THR A 390 -7.46 5.48 -32.08
C THR A 390 -6.13 4.83 -31.76
N ALA A 391 -5.19 5.57 -31.18
CA ALA A 391 -3.89 5.01 -30.81
C ALA A 391 -4.10 4.04 -29.64
N ASP A 392 -4.74 4.56 -28.59
CA ASP A 392 -5.00 3.77 -27.41
C ASP A 392 -5.82 2.53 -27.71
N LEU A 393 -6.87 2.69 -28.52
CA LEU A 393 -7.76 1.57 -28.80
C LEU A 393 -7.00 0.50 -29.56
N ALA A 394 -6.05 0.91 -30.39
CA ALA A 394 -5.26 -0.03 -31.17
C ALA A 394 -4.44 -0.92 -30.24
N GLU A 395 -3.65 -0.29 -29.36
CA GLU A 395 -2.81 -1.00 -28.37
C GLU A 395 -3.65 -1.96 -27.50
N LYS A 396 -4.77 -1.46 -27.01
CA LYS A 396 -5.62 -2.26 -26.16
C LYS A 396 -6.13 -3.50 -26.86
N LEU A 397 -6.60 -3.37 -28.08
CA LEU A 397 -7.09 -4.50 -28.85
C LEU A 397 -5.99 -5.47 -29.21
N PHE A 398 -4.85 -4.92 -29.56
CA PHE A 398 -3.69 -5.71 -29.94
C PHE A 398 -3.20 -6.55 -28.79
N LYS A 399 -3.17 -5.96 -27.60
CA LYS A 399 -2.67 -6.65 -26.40
C LYS A 399 -3.70 -7.60 -25.79
N LEU A 400 -4.96 -7.18 -25.73
CA LEU A 400 -6.01 -8.04 -25.24
C LEU A 400 -6.04 -9.37 -26.00
N SER A 401 -5.95 -9.28 -27.31
CA SER A 401 -6.02 -10.44 -28.17
C SER A 401 -4.86 -11.40 -27.95
N ARG A 402 -3.77 -10.90 -27.39
CA ARG A 402 -2.63 -11.73 -27.04
C ARG A 402 -2.54 -12.05 -25.53
N GLY A 403 -3.55 -11.66 -24.77
CA GLY A 403 -3.60 -11.85 -23.34
C GLY A 403 -2.56 -11.09 -22.55
N ARG A 404 -2.19 -9.92 -23.04
CA ARG A 404 -1.12 -9.12 -22.42
C ARG A 404 -1.50 -7.67 -22.13
N TYR A 405 -2.78 -7.33 -22.17
CA TYR A 405 -3.22 -6.00 -21.75
C TYR A 405 -3.38 -5.93 -20.25
N GLY A 406 -2.40 -5.32 -19.59
CA GLY A 406 -2.40 -5.23 -18.14
C GLY A 406 -2.90 -3.90 -17.62
N LEU A 407 -4.09 -3.90 -17.04
CA LEU A 407 -4.60 -2.75 -16.31
C LEU A 407 -4.32 -2.84 -14.81
N PRO A 408 -4.09 -1.69 -14.16
CA PRO A 408 -3.87 -1.69 -12.73
C PRO A 408 -5.18 -1.88 -11.97
N LEU A 409 -5.09 -2.30 -10.71
CA LEU A 409 -6.27 -2.39 -9.87
C LEU A 409 -6.65 -0.99 -9.47
N SER A 410 -7.89 -0.60 -9.71
CA SER A 410 -8.34 0.76 -9.40
C SER A 410 -9.43 0.77 -8.37
N SER A 411 -9.49 1.82 -7.56
CA SER A 411 -10.59 2.00 -6.64
C SER A 411 -11.69 2.75 -7.39
N ARG A 412 -12.93 2.49 -6.98
CA ARG A 412 -14.10 3.09 -7.59
C ARG A 412 -14.13 4.58 -7.18
N PRO A 413 -14.39 5.48 -8.16
CA PRO A 413 -14.42 6.92 -7.84
C PRO A 413 -15.59 7.28 -6.95
N VAL A 414 -15.50 8.47 -6.39
CA VAL A 414 -16.40 8.84 -5.32
C VAL A 414 -17.79 9.09 -5.89
N VAL A 415 -18.82 8.66 -5.16
CA VAL A 415 -20.19 8.83 -5.61
C VAL A 415 -20.54 10.31 -5.80
N LYS A 416 -21.26 10.59 -6.89
CA LYS A 416 -21.69 11.95 -7.24
C LYS A 416 -23.17 12.17 -7.08
N SER A 417 -23.96 11.12 -7.03
CA SER A 417 -25.41 11.29 -7.05
C SER A 417 -26.11 10.05 -6.53
N MET A 418 -27.19 10.25 -5.80
CA MET A 418 -28.02 9.15 -5.32
C MET A 418 -29.47 9.56 -5.46
N MET A 419 -30.26 8.68 -6.04
CA MET A 419 -31.64 8.96 -6.37
C MET A 419 -32.49 7.80 -5.93
N SER A 420 -33.71 8.11 -5.52
CA SER A 420 -34.68 7.09 -5.24
C SER A 420 -35.99 7.61 -5.80
N ASN A 421 -36.66 6.81 -6.60
CA ASN A 421 -37.85 7.25 -7.36
C ASN A 421 -38.90 6.17 -7.33
N LYS A 422 -40.14 6.57 -7.52
CA LYS A 422 -41.23 5.61 -7.67
C LYS A 422 -42.12 5.95 -8.87
N ASN A 423 -42.35 5.00 -9.75
CA ASN A 423 -43.27 5.23 -10.84
C ASN A 423 -44.60 4.80 -10.29
N LEU A 424 -45.46 5.79 -10.08
CA LEU A 424 -46.74 5.59 -9.41
C LEU A 424 -47.89 5.16 -10.28
N ARG A 425 -48.63 4.18 -9.81
CA ARG A 425 -49.77 3.69 -10.55
C ARG A 425 -51.05 4.02 -9.83
N GLY A 426 -51.96 4.65 -10.57
CA GLY A 426 -53.24 5.06 -10.03
C GLY A 426 -53.24 6.11 -8.95
N LYS A 427 -53.88 5.78 -7.85
CA LYS A 427 -54.06 6.70 -6.74
C LYS A 427 -52.98 6.51 -5.66
N SER A 428 -51.87 5.84 -5.98
CA SER A 428 -50.86 5.51 -4.95
C SER A 428 -50.33 6.71 -4.20
N CYS A 429 -50.29 7.86 -4.84
CA CYS A 429 -49.86 9.10 -4.21
C CYS A 429 -50.91 10.16 -4.54
N ASN A 430 -52.01 10.13 -3.80
CA ASN A 430 -53.13 11.00 -4.06
C ASN A 430 -53.22 12.29 -3.25
N SER A 431 -52.25 12.55 -2.40
CA SER A 431 -52.31 13.73 -1.55
C SER A 431 -50.96 14.12 -1.06
N ILE A 432 -50.87 15.29 -0.45
CA ILE A 432 -49.59 15.72 0.14
C ILE A 432 -49.15 14.75 1.22
N VAL A 433 -50.13 14.16 1.92
CA VAL A 433 -49.81 13.20 2.96
C VAL A 433 -49.18 11.93 2.38
N ASP A 434 -49.67 11.54 1.21
CA ASP A 434 -49.14 10.36 0.51
C ASP A 434 -47.72 10.64 0.01
N CYS A 435 -47.47 11.87 -0.45
CA CYS A 435 -46.14 12.25 -0.87
C CYS A 435 -45.13 12.05 0.22
N ILE A 436 -45.43 12.58 1.39
CA ILE A 436 -44.51 12.50 2.51
C ILE A 436 -44.24 11.03 2.82
N SER A 437 -45.29 10.22 2.80
CA SER A 437 -45.15 8.79 3.10
C SER A 437 -44.14 8.08 2.22
N TRP A 438 -43.99 8.58 0.99
CA TRP A 438 -43.04 8.05 0.01
C TRP A 438 -41.64 8.61 0.24
N LEU A 439 -41.56 9.88 0.63
CA LEU A 439 -40.27 10.48 0.98
C LEU A 439 -39.68 9.73 2.14
N GLU A 440 -40.55 9.31 3.07
CA GLU A 440 -40.13 8.47 4.18
C GLU A 440 -39.32 7.28 3.69
N VAL A 441 -39.84 6.58 2.68
CA VAL A 441 -39.20 5.44 2.09
C VAL A 441 -37.95 5.87 1.33
N PHE A 442 -38.03 7.01 0.64
CA PHE A 442 -36.89 7.50 -0.13
C PHE A 442 -35.71 7.92 0.74
N CYS A 443 -35.95 8.44 1.95
CA CYS A 443 -34.84 8.73 2.87
C CYS A 443 -34.24 7.50 3.53
N ALA A 444 -35.06 6.51 3.83
CA ALA A 444 -34.55 5.28 4.39
C ALA A 444 -33.48 4.69 3.48
N GLU A 445 -33.86 4.54 2.22
CA GLU A 445 -33.00 4.02 1.16
C GLU A 445 -31.77 4.89 0.91
N LEU A 446 -31.95 6.19 0.90
CA LEU A 446 -30.85 7.10 0.72
C LEU A 446 -29.89 7.06 1.89
N THR A 447 -30.46 6.99 3.09
CA THR A 447 -29.70 6.88 4.32
C THR A 447 -28.91 5.58 4.39
N SER A 448 -29.52 4.50 3.91
CA SER A 448 -28.85 3.20 3.86
C SER A 448 -27.66 3.18 2.93
N ARG A 449 -27.83 3.79 1.76
CA ARG A 449 -26.82 3.83 0.75
C ARG A 449 -25.64 4.69 1.20
N ILE A 450 -25.94 5.76 1.89
CA ILE A 450 -24.90 6.60 2.44
C ILE A 450 -24.09 5.82 3.45
N GLN A 451 -24.78 5.02 4.24
CA GLN A 451 -24.16 4.20 5.27
C GLN A 451 -23.23 3.17 4.70
N ASP A 452 -23.61 2.55 3.59
CA ASP A 452 -22.78 1.56 2.92
C ASP A 452 -21.51 2.21 2.40
N LEU A 453 -21.66 3.40 1.84
CA LEU A 453 -20.53 4.15 1.36
C LEU A 453 -19.63 4.61 2.51
N GLU A 454 -20.24 5.03 3.63
CA GLU A 454 -19.45 5.39 4.79
C GLU A 454 -18.52 4.25 5.21
N GLN A 455 -18.98 3.03 5.06
CA GLN A 455 -18.15 1.89 5.39
C GLN A 455 -17.08 1.70 4.32
N GLU A 456 -17.46 1.89 3.07
CA GLU A 456 -16.50 1.74 2.00
C GLU A 456 -15.36 2.74 2.07
N TYR A 457 -15.66 3.99 2.39
CA TYR A 457 -14.63 5.02 2.39
C TYR A 457 -13.91 5.14 3.73
N ASN A 458 -14.54 4.61 4.78
CA ASN A 458 -14.14 4.89 6.17
C ASN A 458 -14.08 6.39 6.44
N LYS A 459 -15.05 7.11 5.89
CA LYS A 459 -15.12 8.57 5.95
C LYS A 459 -16.61 9.01 5.98
N ILE A 460 -16.89 10.07 6.72
CA ILE A 460 -18.27 10.55 6.85
C ILE A 460 -18.69 11.11 5.50
N VAL A 461 -19.93 10.84 5.11
CA VAL A 461 -20.43 11.29 3.82
C VAL A 461 -21.64 12.15 4.07
N ILE A 462 -21.59 13.39 3.62
CA ILE A 462 -22.71 14.31 3.81
C ILE A 462 -23.17 14.96 2.52
N PRO A 463 -24.44 14.77 2.20
CA PRO A 463 -25.02 15.39 1.02
C PRO A 463 -25.44 16.81 1.34
N ARG A 464 -25.05 17.76 0.50
CA ARG A 464 -25.39 19.16 0.74
C ARG A 464 -26.64 19.65 0.01
N THR A 465 -26.87 19.11 -1.18
CA THR A 465 -28.01 19.46 -2.00
C THR A 465 -28.97 18.30 -2.15
N VAL A 466 -30.26 18.58 -2.08
CA VAL A 466 -31.27 17.57 -2.33
C VAL A 466 -32.28 18.09 -3.36
N SER A 467 -32.79 17.20 -4.19
CA SER A 467 -33.73 17.60 -5.21
C SER A 467 -34.97 16.71 -5.25
N ILE A 468 -36.15 17.32 -5.23
CA ILE A 468 -37.36 16.56 -5.38
C ILE A 468 -37.90 16.81 -6.79
N SER A 469 -38.26 15.72 -7.47
CA SER A 469 -38.88 15.78 -8.77
C SER A 469 -40.13 14.93 -8.73
N LEU A 470 -41.22 15.45 -9.32
CA LEU A 470 -42.47 14.69 -9.51
C LEU A 470 -43.08 14.94 -10.90
N LYS A 471 -43.97 14.04 -11.30
CA LYS A 471 -44.75 14.22 -12.50
C LYS A 471 -46.25 14.09 -12.15
N THR A 472 -47.02 15.09 -12.55
CA THR A 472 -48.42 15.18 -12.21
C THR A 472 -49.33 14.22 -13.02
N LYS A 473 -50.60 14.18 -12.61
CA LYS A 473 -51.68 13.49 -13.34
C LYS A 473 -51.64 13.81 -14.85
N SER A 474 -51.36 15.07 -15.16
CA SER A 474 -51.22 15.55 -16.52
C SER A 474 -49.80 15.44 -17.09
N TYR A 475 -48.92 14.71 -16.41
CA TYR A 475 -47.54 14.50 -16.87
C TYR A 475 -46.74 15.81 -16.92
N GLU A 476 -47.20 16.80 -16.19
CA GLU A 476 -46.46 18.02 -16.09
C GLU A 476 -45.36 17.80 -15.06
N VAL A 477 -44.13 18.12 -15.45
CA VAL A 477 -42.98 17.89 -14.60
C VAL A 477 -42.77 19.07 -13.67
N TYR A 478 -42.51 18.79 -12.40
CA TYR A 478 -42.25 19.81 -11.39
C TYR A 478 -40.98 19.42 -10.64
N ARG A 479 -40.11 20.37 -10.39
CA ARG A 479 -38.81 20.06 -9.84
C ARG A 479 -38.36 21.11 -8.83
N LYS A 480 -37.75 20.74 -7.72
CA LYS A 480 -37.13 21.74 -6.84
C LYS A 480 -35.82 21.28 -6.21
N SER A 481 -34.77 22.05 -6.42
CA SER A 481 -33.44 21.75 -5.90
C SER A 481 -33.07 22.82 -4.85
N GLY A 482 -32.34 22.41 -3.82
CA GLY A 482 -31.86 23.35 -2.80
C GLY A 482 -30.90 22.75 -1.78
N PRO A 483 -30.27 23.58 -0.97
CA PRO A 483 -29.30 23.10 0.01
C PRO A 483 -29.93 22.37 1.19
N VAL A 484 -29.15 21.49 1.82
CA VAL A 484 -29.61 20.81 3.00
C VAL A 484 -28.73 21.27 4.14
N ALA A 485 -29.35 21.71 5.23
CA ALA A 485 -28.61 22.21 6.37
C ALA A 485 -28.79 21.28 7.54
N TYR A 486 -27.68 20.89 8.13
CA TYR A 486 -27.70 19.96 9.24
C TYR A 486 -27.37 20.66 10.55
N LYS A 487 -28.17 20.37 11.57
CA LYS A 487 -27.96 20.95 12.86
C LYS A 487 -26.90 20.13 13.55
N GLY A 488 -25.68 20.21 13.04
CA GLY A 488 -24.54 19.51 13.58
C GLY A 488 -23.62 19.12 12.45
N ILE A 489 -22.45 18.59 12.77
CA ILE A 489 -21.51 18.11 11.76
C ILE A 489 -21.93 16.86 10.97
N ASN A 490 -22.45 15.87 11.68
CA ASN A 490 -22.85 14.60 11.05
C ASN A 490 -24.19 14.64 10.28
N PHE A 491 -24.29 13.80 9.25
CA PHE A 491 -25.50 13.69 8.46
C PHE A 491 -26.66 13.17 9.28
N GLN A 492 -27.84 13.72 9.05
CA GLN A 492 -29.02 13.29 9.76
C GLN A 492 -30.14 12.94 8.79
N SER A 493 -30.68 11.74 8.95
CA SER A 493 -31.75 11.26 8.11
C SER A 493 -33.00 12.10 8.27
N HIS A 494 -33.32 12.47 9.50
CA HIS A 494 -34.50 13.27 9.77
C HIS A 494 -34.40 14.61 9.11
N GLU A 495 -33.20 15.18 9.10
CA GLU A 495 -32.98 16.47 8.49
C GLU A 495 -33.08 16.48 6.97
N LEU A 496 -32.82 15.35 6.35
CA LEU A 496 -32.96 15.21 4.90
C LEU A 496 -34.45 15.19 4.56
N LEU A 497 -35.20 14.44 5.35
CA LEU A 497 -36.64 14.35 5.21
C LEU A 497 -37.23 15.75 5.26
N LYS A 498 -36.87 16.53 6.27
CA LYS A 498 -37.54 17.81 6.53
C LYS A 498 -37.51 18.70 5.30
N VAL A 499 -36.37 18.82 4.64
CA VAL A 499 -36.28 19.64 3.41
C VAL A 499 -37.06 18.99 2.28
N GLY A 500 -36.94 17.68 2.16
CA GLY A 500 -37.72 16.93 1.20
C GLY A 500 -39.18 17.27 1.33
N ILE A 501 -39.70 17.24 2.56
CA ILE A 501 -41.08 17.61 2.83
C ILE A 501 -41.39 19.07 2.47
N LYS A 502 -40.45 19.96 2.70
CA LYS A 502 -40.66 21.35 2.37
C LYS A 502 -40.86 21.53 0.85
N PHE A 503 -40.00 20.90 0.05
CA PHE A 503 -40.07 21.02 -1.42
C PHE A 503 -41.34 20.42 -1.99
N VAL A 504 -41.69 19.22 -1.53
CA VAL A 504 -42.89 18.55 -1.98
C VAL A 504 -44.12 19.38 -1.59
N THR A 505 -43.95 20.33 -0.67
CA THR A 505 -45.02 21.21 -0.23
C THR A 505 -44.97 22.53 -0.99
N ASP A 506 -43.78 23.06 -1.22
CA ASP A 506 -43.61 24.17 -2.16
C ASP A 506 -44.25 23.82 -3.50
N LEU A 507 -43.96 22.63 -4.01
CA LEU A 507 -44.48 22.19 -5.31
C LEU A 507 -46.00 21.98 -5.29
N ASP A 508 -46.56 21.50 -4.18
CA ASP A 508 -48.00 21.22 -4.12
C ASP A 508 -48.84 22.46 -4.30
N ILE A 509 -48.34 23.59 -3.84
CA ILE A 509 -49.06 24.86 -3.98
C ILE A 509 -48.77 25.51 -5.35
N LYS A 510 -47.60 25.20 -5.92
CA LYS A 510 -47.20 25.78 -7.21
C LYS A 510 -48.17 25.37 -8.33
N GLY A 511 -48.66 24.13 -8.27
CA GLY A 511 -49.66 23.64 -9.20
C GLY A 511 -50.97 23.39 -8.49
N LYS A 512 -51.33 24.20 -7.49
CA LYS A 512 -52.58 23.97 -6.73
C LYS A 512 -53.81 23.99 -7.62
N ASN A 513 -53.91 24.99 -8.48
CA ASN A 513 -55.07 25.12 -9.38
C ASN A 513 -55.03 24.13 -10.55
N LYS A 514 -53.84 23.92 -11.10
CA LYS A 514 -53.63 22.97 -12.20
C LYS A 514 -53.91 21.54 -11.75
N SER A 515 -53.98 20.60 -12.69
CA SER A 515 -54.28 19.19 -12.38
C SER A 515 -52.99 18.53 -11.91
N TYR A 516 -53.01 18.08 -10.66
CA TYR A 516 -51.83 17.57 -9.96
C TYR A 516 -51.90 16.12 -9.56
N TYR A 517 -52.95 15.72 -8.88
CA TYR A 517 -53.06 14.37 -8.34
C TYR A 517 -54.03 13.54 -9.10
N PRO A 518 -53.74 12.26 -9.19
CA PRO A 518 -52.59 11.65 -8.53
C PRO A 518 -51.27 11.87 -9.27
N LEU A 519 -50.16 11.69 -8.58
CA LEU A 519 -48.86 11.82 -9.23
C LEU A 519 -48.56 10.55 -10.01
N THR A 520 -47.69 10.67 -11.00
CA THR A 520 -47.25 9.51 -11.74
C THR A 520 -45.80 9.20 -11.42
N LYS A 521 -45.08 10.19 -10.93
CA LYS A 521 -43.70 10.03 -10.52
C LYS A 521 -43.35 10.89 -9.33
N LEU A 522 -42.58 10.34 -8.40
CA LEU A 522 -42.00 11.08 -7.30
C LEU A 522 -40.58 10.58 -7.04
N SER A 523 -39.64 11.49 -6.84
CA SER A 523 -38.25 11.10 -6.58
C SER A 523 -37.52 12.05 -5.64
N MET A 524 -36.53 11.52 -4.91
CA MET A 524 -35.56 12.33 -4.18
C MET A 524 -34.17 12.00 -4.68
N THR A 525 -33.37 13.03 -4.94
CA THR A 525 -32.03 12.91 -5.48
C THR A 525 -31.09 13.77 -4.69
N ILE A 526 -30.00 13.21 -4.16
CA ILE A 526 -29.04 13.98 -3.34
C ILE A 526 -27.69 14.10 -4.04
N THR A 527 -27.07 15.27 -3.92
CA THR A 527 -25.81 15.56 -4.58
C THR A 527 -24.95 16.42 -3.69
N ASN A 528 -23.89 16.97 -4.26
CA ASN A 528 -23.01 17.84 -3.52
C ASN A 528 -22.48 17.25 -2.26
N PHE A 529 -21.92 16.07 -2.36
CA PHE A 529 -21.36 15.40 -1.22
C PHE A 529 -20.02 15.91 -0.75
N ASP A 530 -19.91 16.07 0.55
CA ASP A 530 -18.65 16.41 1.18
C ASP A 530 -18.15 15.15 1.87
N ILE A 531 -17.03 14.62 1.38
CA ILE A 531 -16.41 13.47 2.02
C ILE A 531 -15.36 13.96 3.02
N ILE A 532 -15.66 13.88 4.32
CA ILE A 532 -14.76 14.46 5.32
C ILE A 532 -14.08 13.46 6.31
N ASP A 533 -13.01 13.79 6.84
N GLY B 22 -15.22 2.26 31.85
CA GLY B 22 -16.35 3.06 31.28
C GLY B 22 -17.36 2.20 30.52
N ARG B 23 -18.40 2.79 29.94
CA ARG B 23 -19.37 2.01 29.18
C ARG B 23 -18.83 1.57 27.83
N MET B 24 -18.28 2.51 27.07
CA MET B 24 -17.67 2.21 25.79
C MET B 24 -16.19 2.60 25.77
N SER B 25 -15.47 2.04 24.80
CA SER B 25 -14.11 2.44 24.52
C SER B 25 -14.03 3.94 24.17
N LYS B 26 -12.82 4.49 24.28
CA LYS B 26 -12.59 5.88 23.94
C LYS B 26 -12.38 6.08 22.43
N PHE B 27 -12.27 4.98 21.68
CA PHE B 27 -11.97 5.02 20.27
C PHE B 27 -13.17 4.63 19.39
N THR B 28 -13.18 5.15 18.16
CA THR B 28 -14.24 4.78 17.21
C THR B 28 -13.80 3.67 16.28
N TRP B 29 -14.79 3.03 15.66
CA TRP B 29 -14.58 2.08 14.54
C TRP B 29 -13.79 2.69 13.39
N LYS B 30 -14.15 3.91 13.02
CA LYS B 30 -13.43 4.65 12.01
C LYS B 30 -11.93 4.56 12.28
N GLU B 31 -11.52 4.93 13.48
CA GLU B 31 -10.09 5.02 13.83
C GLU B 31 -9.41 3.65 13.81
N LEU B 32 -10.19 2.61 14.07
CA LEU B 32 -9.71 1.23 14.03
C LEU B 32 -9.56 0.73 12.59
N ILE B 33 -10.61 0.90 11.79
CA ILE B 33 -10.57 0.47 10.40
C ILE B 33 -9.48 1.22 9.65
N GLN B 34 -9.24 2.47 10.05
CA GLN B 34 -8.17 3.27 9.49
C GLN B 34 -6.81 2.58 9.52
N LEU B 35 -6.57 1.75 10.53
CA LEU B 35 -5.36 0.92 10.62
C LEU B 35 -5.10 0.10 9.40
N GLY B 36 -6.15 -0.20 8.63
CA GLY B 36 -6.06 -1.11 7.49
C GLY B 36 -5.77 -0.47 6.16
N SER B 37 -5.52 0.84 6.18
CA SER B 37 -5.24 1.63 5.00
C SER B 37 -3.85 2.27 5.12
N PRO B 38 -2.87 1.80 4.32
CA PRO B 38 -1.48 2.29 4.45
C PRO B 38 -1.30 3.79 4.34
N SER B 39 -2.23 4.50 3.70
CA SER B 39 -2.09 5.92 3.50
C SER B 39 -2.61 6.71 4.70
N LYS B 40 -3.65 6.19 5.33
CA LYS B 40 -4.22 6.87 6.49
C LYS B 40 -3.90 6.25 7.86
N ALA B 41 -3.30 5.07 7.92
CA ALA B 41 -3.17 4.37 9.20
C ALA B 41 -2.42 5.17 10.27
N TYR B 42 -1.40 5.93 9.85
CA TYR B 42 -0.59 6.74 10.76
C TYR B 42 -1.35 7.91 11.41
N GLU B 43 -2.51 8.27 10.88
CA GLU B 43 -3.30 9.37 11.45
C GLU B 43 -4.19 8.91 12.59
N SER B 44 -4.42 7.61 12.69
CA SER B 44 -5.23 7.04 13.75
C SER B 44 -4.54 7.22 15.10
N SER B 45 -5.31 7.62 16.11
CA SER B 45 -4.84 7.52 17.49
C SER B 45 -4.38 6.09 17.81
N LEU B 46 -5.03 5.11 17.19
CA LEU B 46 -4.70 3.70 17.40
C LEU B 46 -3.44 3.25 16.67
N ALA B 47 -2.71 4.16 16.02
CA ALA B 47 -1.61 3.76 15.17
C ALA B 47 -0.53 3.01 15.94
N CYS B 48 0.09 2.04 15.29
CA CYS B 48 1.18 1.28 15.89
C CYS B 48 2.40 1.39 14.99
N ILE B 49 3.28 2.32 15.33
CA ILE B 49 4.49 2.56 14.59
C ILE B 49 5.64 1.94 15.34
N ALA B 50 6.65 1.49 14.59
CA ALA B 50 7.90 1.03 15.18
C ALA B 50 9.10 1.76 14.56
N HIS B 51 10.11 2.07 15.38
CA HIS B 51 11.40 2.53 14.86
C HIS B 51 12.49 1.54 15.28
N ILE B 52 13.20 0.98 14.32
CA ILE B 52 14.17 -0.07 14.59
C ILE B 52 15.54 0.46 14.17
N ASP B 53 16.51 0.36 15.07
CA ASP B 53 17.86 0.88 14.90
C ASP B 53 18.84 -0.26 15.04
N MET B 54 19.74 -0.40 14.09
CA MET B 54 20.86 -1.35 14.23
C MET B 54 22.05 -0.62 14.83
N ASN B 55 22.23 -0.74 16.14
CA ASN B 55 23.16 0.13 16.85
C ASN B 55 24.60 -0.28 16.61
N ALA B 56 25.50 0.69 16.60
CA ALA B 56 26.90 0.43 16.32
C ALA B 56 26.99 -0.34 14.98
N PHE B 57 26.21 0.11 14.01
CA PHE B 57 26.04 -0.62 12.76
C PHE B 57 27.38 -1.01 12.13
N PHE B 58 28.30 -0.06 11.94
CA PHE B 58 29.54 -0.39 11.21
C PHE B 58 30.35 -1.42 12.00
N ALA B 59 30.38 -1.29 13.31
CA ALA B 59 31.06 -2.27 14.15
C ALA B 59 30.41 -3.63 14.03
N GLN B 60 29.08 -3.66 13.93
CA GLN B 60 28.39 -4.96 13.80
C GLN B 60 28.73 -5.60 12.50
N VAL B 61 28.75 -4.82 11.43
CA VAL B 61 29.09 -5.36 10.13
C VAL B 61 30.52 -5.92 10.11
N GLU B 62 31.47 -5.27 10.76
CA GLU B 62 32.83 -5.80 10.76
C GLU B 62 32.95 -7.00 11.69
N GLN B 63 32.21 -6.98 12.78
CA GLN B 63 32.20 -8.11 13.69
C GLN B 63 31.76 -9.37 12.94
N MET B 64 30.64 -9.26 12.25
CA MET B 64 30.08 -10.39 11.53
C MET B 64 30.97 -10.87 10.40
N ARG B 65 31.59 -9.95 9.68
CA ARG B 65 32.54 -10.29 8.60
C ARG B 65 33.77 -11.02 9.08
N CYS B 66 34.32 -10.62 10.22
CA CYS B 66 35.52 -11.28 10.76
C CYS B 66 35.24 -12.44 11.72
N GLY B 67 34.07 -13.05 11.61
CA GLY B 67 33.65 -14.13 12.51
C GLY B 67 33.71 -13.89 14.02
N LEU B 68 33.43 -12.68 14.49
CA LEU B 68 33.55 -12.38 15.93
C LEU B 68 32.17 -12.34 16.64
N SER B 69 32.17 -12.42 17.98
CA SER B 69 30.93 -12.32 18.76
C SER B 69 30.53 -10.90 19.07
N LYS B 70 29.30 -10.72 19.55
CA LYS B 70 28.79 -9.40 19.88
C LYS B 70 29.36 -8.83 21.19
N GLU B 71 29.99 -9.72 21.95
CA GLU B 71 30.59 -9.42 23.24
C GLU B 71 32.10 -9.11 23.02
N ASP B 72 32.56 -9.28 21.79
CA ASP B 72 33.93 -8.90 21.40
C ASP B 72 34.09 -7.39 21.25
N PRO B 73 35.12 -6.81 21.89
CA PRO B 73 35.25 -5.37 21.93
C PRO B 73 35.75 -4.78 20.61
N VAL B 74 34.92 -4.80 19.58
CA VAL B 74 35.42 -4.36 18.28
C VAL B 74 35.15 -2.88 18.11
N VAL B 75 35.99 -2.25 17.30
CA VAL B 75 35.89 -0.80 17.01
C VAL B 75 36.13 -0.63 15.50
N CYS B 76 35.25 0.06 14.81
CA CYS B 76 35.44 0.27 13.39
C CYS B 76 36.27 1.53 13.20
N VAL B 77 37.36 1.40 12.47
CA VAL B 77 38.35 2.45 12.35
C VAL B 77 38.58 2.99 10.95
N GLN B 78 38.74 4.29 10.86
CA GLN B 78 39.15 4.96 9.65
C GLN B 78 40.32 5.85 9.99
N TRP B 79 41.49 5.59 9.42
CA TRP B 79 42.68 6.37 9.75
C TRP B 79 43.00 6.22 11.23
N ASN B 80 43.00 7.33 11.96
CA ASN B 80 43.22 7.28 13.41
C ASN B 80 41.98 7.51 14.24
N SER B 81 40.83 7.60 13.63
CA SER B 81 39.66 7.85 14.40
C SER B 81 38.73 6.70 14.46
N ILE B 82 37.88 6.71 15.47
CA ILE B 82 36.94 5.62 15.63
C ILE B 82 35.60 6.12 15.14
N ILE B 83 34.98 5.40 14.22
CA ILE B 83 33.69 5.83 13.65
C ILE B 83 32.50 5.02 14.16
N ALA B 84 32.74 3.78 14.58
CA ALA B 84 31.71 2.98 15.23
C ALA B 84 32.35 2.29 16.41
N VAL B 85 31.65 2.23 17.53
CA VAL B 85 32.13 1.57 18.73
C VAL B 85 31.11 0.57 19.23
N SER B 86 31.49 -0.69 19.33
CA SER B 86 30.55 -1.71 19.79
C SER B 86 30.26 -1.47 21.25
N TYR B 87 29.15 -1.99 21.72
CA TYR B 87 28.72 -1.77 23.09
C TYR B 87 29.64 -2.51 24.04
N ALA B 88 30.20 -3.63 23.62
CA ALA B 88 31.23 -4.30 24.40
C ALA B 88 32.45 -3.38 24.61
N ALA B 89 32.85 -2.66 23.57
CA ALA B 89 33.99 -1.80 23.67
C ALA B 89 33.67 -0.67 24.65
N ARG B 90 32.39 -0.33 24.76
CA ARG B 90 31.99 0.84 25.55
C ARG B 90 31.98 0.58 27.02
N LYS B 91 32.00 -0.69 27.41
CA LYS B 91 32.20 -1.07 28.81
C LYS B 91 33.52 -0.57 29.34
N TYR B 92 34.48 -0.34 28.46
CA TYR B 92 35.80 0.10 28.87
C TYR B 92 35.95 1.61 28.83
N GLY B 93 34.85 2.33 28.67
CA GLY B 93 34.89 3.79 28.58
C GLY B 93 35.30 4.34 27.22
N ILE B 94 35.34 3.52 26.19
CA ILE B 94 35.70 3.98 24.84
C ILE B 94 34.51 4.66 24.16
N SER B 95 34.76 5.79 23.52
CA SER B 95 33.77 6.50 22.76
C SER B 95 34.38 6.99 21.46
N ARG B 96 33.55 7.51 20.57
CA ARG B 96 34.00 8.00 19.28
C ARG B 96 34.98 9.16 19.35
N MET B 97 34.82 10.04 20.33
CA MET B 97 35.72 10.96 20.95
CA MET B 97 35.73 10.99 20.81
C MET B 97 37.13 10.53 21.11
N ASP B 98 37.41 9.26 21.38
CA ASP B 98 38.76 8.74 21.59
C ASP B 98 39.45 8.44 20.26
N THR B 99 40.77 8.60 20.16
CA THR B 99 41.55 8.02 19.07
C THR B 99 41.87 6.55 19.36
N ILE B 100 42.38 5.82 18.37
CA ILE B 100 42.65 4.40 18.58
C ILE B 100 43.72 4.21 19.64
N GLN B 101 44.70 5.10 19.63
CA GLN B 101 45.77 5.01 20.61
CA GLN B 101 45.78 5.08 20.60
C GLN B 101 45.20 5.25 22.00
N GLU B 102 44.29 6.21 22.15
CA GLU B 102 43.65 6.47 23.45
C GLU B 102 42.74 5.33 23.94
N ALA B 103 42.03 4.71 23.00
CA ALA B 103 41.12 3.61 23.28
C ALA B 103 41.91 2.36 23.70
N LEU B 104 43.13 2.23 23.20
CA LEU B 104 43.97 1.06 23.49
C LEU B 104 44.55 1.13 24.88
N LYS B 105 44.64 2.33 25.45
CA LYS B 105 45.03 2.44 26.86
C LYS B 105 43.84 2.22 27.82
N LYS B 106 42.63 2.22 27.28
CA LYS B 106 41.44 1.81 28.02
C LYS B 106 41.17 0.30 27.96
N CYS B 107 41.42 -0.32 26.81
CA CYS B 107 41.30 -1.76 26.67
C CYS B 107 42.35 -2.27 25.69
N SER B 108 43.44 -2.80 26.22
CA SER B 108 44.53 -3.34 25.38
C SER B 108 44.12 -4.50 24.48
N ASN B 109 43.01 -5.19 24.81
CA ASN B 109 42.47 -6.29 23.98
C ASN B 109 41.51 -5.85 22.83
N LEU B 110 41.39 -4.53 22.64
CA LEU B 110 40.58 -3.96 21.58
C LEU B 110 40.86 -4.61 20.24
N ILE B 111 39.81 -4.75 19.44
CA ILE B 111 39.92 -5.30 18.10
C ILE B 111 39.52 -4.21 17.13
N PRO B 112 40.48 -3.34 16.79
CA PRO B 112 40.27 -2.35 15.75
C PRO B 112 40.29 -3.01 14.40
N ILE B 113 39.32 -2.63 13.57
CA ILE B 113 39.20 -3.12 12.23
C ILE B 113 39.01 -1.90 11.35
N HIS B 114 39.88 -1.76 10.35
CA HIS B 114 39.83 -0.62 9.44
C HIS B 114 38.82 -0.86 8.33
N THR B 115 38.15 0.20 7.90
CA THR B 115 37.23 0.09 6.78
C THR B 115 37.99 -0.40 5.56
N ALA B 116 37.22 -0.96 4.62
CA ALA B 116 37.73 -1.22 3.29
C ALA B 116 38.25 0.09 2.75
N VAL B 117 39.27 0.03 1.90
CA VAL B 117 39.75 1.21 1.21
C VAL B 117 40.04 0.97 -0.29
N PHE B 118 39.79 2.01 -1.08
CA PHE B 118 40.31 2.10 -2.44
C PHE B 118 41.75 2.55 -2.38
N LYS B 119 42.64 1.99 -3.21
CA LYS B 119 43.93 2.61 -3.50
C LYS B 119 43.85 3.51 -4.71
N LYS B 120 44.46 4.68 -4.58
CA LYS B 120 44.59 5.63 -5.68
C LYS B 120 44.99 4.87 -6.94
N GLY B 121 44.22 5.10 -7.99
CA GLY B 121 44.47 4.45 -9.27
C GLY B 121 43.78 3.10 -9.50
N GLU B 122 43.24 2.47 -8.47
CA GLU B 122 42.55 1.18 -8.62
C GLU B 122 41.04 1.35 -8.64
N ASP B 123 40.35 0.53 -9.42
CA ASP B 123 38.88 0.63 -9.56
C ASP B 123 38.09 -0.27 -8.59
N PHE B 124 38.72 -0.73 -7.51
CA PHE B 124 38.02 -1.59 -6.58
C PHE B 124 38.53 -1.32 -5.18
N TRP B 125 37.67 -1.55 -4.19
CA TRP B 125 38.05 -1.44 -2.79
C TRP B 125 38.40 -2.82 -2.26
N GLN B 126 38.97 -2.83 -1.08
CA GLN B 126 39.52 -4.04 -0.52
C GLN B 126 39.79 -3.83 0.96
N TYR B 127 39.70 -4.91 1.74
CA TYR B 127 39.98 -4.86 3.15
C TYR B 127 41.43 -5.23 3.38
N HIS B 128 42.07 -4.50 4.27
CA HIS B 128 43.44 -4.77 4.70
C HIS B 128 43.41 -5.20 6.17
N ASP B 129 43.08 -6.46 6.39
CA ASP B 129 42.93 -6.99 7.75
C ASP B 129 44.31 -7.14 8.37
N GLY B 130 44.39 -6.91 9.67
CA GLY B 130 45.67 -6.88 10.37
C GLY B 130 46.58 -5.78 9.84
N CYS B 131 45.99 -4.69 9.37
CA CYS B 131 46.73 -3.51 8.95
C CYS B 131 45.99 -2.30 9.52
N GLY B 132 46.74 -1.29 9.93
CA GLY B 132 46.20 -0.13 10.66
C GLY B 132 47.31 0.69 11.30
N SER B 133 47.00 1.90 11.76
CA SER B 133 48.02 2.80 12.30
C SER B 133 48.45 2.38 13.70
N TRP B 134 47.76 1.41 14.26
CA TRP B 134 48.00 0.98 15.64
C TRP B 134 48.94 -0.22 15.68
N VAL B 135 49.18 -0.84 14.53
CA VAL B 135 50.12 -1.96 14.43
C VAL B 135 51.53 -1.43 14.14
N GLN B 136 52.51 -2.01 14.84
CA GLN B 136 53.86 -1.46 14.83
C GLN B 136 54.58 -1.66 13.48
N ASP B 137 54.40 -2.85 12.90
CA ASP B 137 55.01 -3.20 11.61
C ASP B 137 54.79 -2.13 10.50
N PRO B 138 55.86 -1.46 10.06
CA PRO B 138 55.74 -0.49 8.94
C PRO B 138 55.27 -1.10 7.61
N ALA B 139 55.45 -2.41 7.45
CA ALA B 139 54.88 -3.13 6.32
C ALA B 139 53.33 -3.08 6.32
N LYS B 140 52.71 -3.33 7.47
CA LYS B 140 51.24 -3.45 7.55
C LYS B 140 50.50 -2.14 7.86
N GLN B 141 50.70 -1.10 7.03
CA GLN B 141 50.01 0.17 7.22
C GLN B 141 49.01 0.47 6.10
N ILE B 142 48.05 1.34 6.40
CA ILE B 142 47.11 1.80 5.40
C ILE B 142 47.24 3.31 5.36
N SER B 143 48.08 3.77 4.44
CA SER B 143 48.46 5.18 4.28
C SER B 143 47.28 6.03 3.87
N VAL B 144 47.03 7.10 4.60
CA VAL B 144 45.93 8.00 4.31
C VAL B 144 46.12 8.70 2.97
N GLU B 145 47.36 8.96 2.61
CA GLU B 145 47.71 9.69 1.40
C GLU B 145 47.32 9.07 0.07
N ASP B 146 47.40 7.76 -0.04
CA ASP B 146 47.04 7.06 -1.28
C ASP B 146 45.81 6.18 -1.22
N HIS B 147 45.00 6.33 -0.19
CA HIS B 147 43.83 5.50 -0.03
C HIS B 147 42.56 6.28 0.22
N LYS B 148 41.43 5.70 -0.15
CA LYS B 148 40.14 6.31 0.07
C LYS B 148 39.23 5.30 0.73
N VAL B 149 38.43 5.72 1.68
CA VAL B 149 37.58 4.79 2.39
C VAL B 149 36.37 4.42 1.53
N SER B 150 35.99 3.14 1.57
CA SER B 150 34.74 2.70 1.01
C SER B 150 33.74 2.28 2.08
N LEU B 151 32.53 2.83 1.99
CA LEU B 151 31.42 2.46 2.86
C LEU B 151 30.45 1.51 2.18
N GLU B 152 30.87 0.91 1.06
CA GLU B 152 30.03 -0.01 0.30
C GLU B 152 29.60 -1.21 1.18
N PRO B 153 30.51 -1.80 1.94
CA PRO B 153 30.09 -2.96 2.72
C PRO B 153 28.97 -2.66 3.72
N TYR B 154 28.90 -1.43 4.22
CA TYR B 154 27.81 -1.05 5.10
C TYR B 154 26.54 -0.81 4.28
N ARG B 155 26.69 -0.17 3.11
CA ARG B 155 25.56 0.06 2.23
CA ARG B 155 25.55 0.06 2.25
C ARG B 155 24.89 -1.26 1.86
N ARG B 156 25.71 -2.22 1.47
CA ARG B 156 25.20 -3.52 1.11
C ARG B 156 24.45 -4.18 2.25
N GLU B 157 25.04 -4.19 3.45
CA GLU B 157 24.40 -4.86 4.57
C GLU B 157 23.07 -4.20 4.93
N SER B 158 22.99 -2.89 4.75
CA SER B 158 21.78 -2.13 5.01
C SER B 158 20.70 -2.58 4.04
N ARG B 159 21.10 -2.82 2.80
CA ARG B 159 20.22 -3.28 1.74
C ARG B 159 19.64 -4.64 2.06
N LYS B 160 20.44 -5.52 2.64
CA LYS B 160 19.98 -6.82 3.07
C LYS B 160 18.93 -6.71 4.17
N ALA B 161 19.17 -5.81 5.13
CA ALA B 161 18.22 -5.55 6.20
C ALA B 161 16.91 -5.03 5.63
N LEU B 162 17.02 -4.04 4.76
CA LEU B 162 15.86 -3.35 4.26
C LEU B 162 14.94 -4.36 3.49
N LYS B 163 15.55 -5.29 2.78
CA LYS B 163 14.78 -6.33 2.11
C LYS B 163 14.03 -7.21 3.09
N ILE B 164 14.65 -7.60 4.18
CA ILE B 164 13.95 -8.37 5.22
C ILE B 164 12.84 -7.54 5.87
N PHE B 165 13.02 -6.23 6.03
CA PHE B 165 11.96 -5.41 6.60
C PHE B 165 10.79 -5.29 5.65
N LYS B 166 11.12 -4.92 4.41
CA LYS B 166 10.12 -4.88 3.33
C LYS B 166 9.36 -6.22 3.17
N SER B 167 9.93 -7.33 3.64
CA SER B 167 9.29 -8.63 3.52
C SER B 167 8.22 -8.82 4.57
N ALA B 168 8.40 -8.19 5.72
CA ALA B 168 7.51 -8.45 6.83
C ALA B 168 6.46 -7.37 7.02
N CYS B 169 6.59 -6.26 6.29
CA CYS B 169 5.73 -5.10 6.52
C CYS B 169 5.59 -4.36 5.22
N ASP B 170 4.40 -3.82 4.96
CA ASP B 170 4.10 -3.27 3.63
C ASP B 170 4.31 -1.78 3.55
N LEU B 171 4.72 -1.17 4.66
CA LEU B 171 5.10 0.24 4.66
C LEU B 171 6.32 0.47 5.54
N VAL B 172 7.49 0.53 4.90
CA VAL B 172 8.76 0.72 5.57
C VAL B 172 9.41 2.00 5.13
N GLU B 173 9.79 2.83 6.09
CA GLU B 173 10.57 4.02 5.79
C GLU B 173 12.02 3.81 6.14
N ARG B 174 12.90 4.00 5.19
CA ARG B 174 14.34 3.97 5.44
C ARG B 174 14.75 5.32 6.01
N ALA B 175 14.79 5.44 7.33
CA ALA B 175 15.12 6.69 7.99
C ALA B 175 16.58 7.00 7.81
N SER B 176 17.40 5.98 7.70
CA SER B 176 18.84 6.14 7.50
C SER B 176 19.54 4.79 7.24
N ILE B 177 20.86 4.84 7.12
CA ILE B 177 21.68 3.67 6.82
C ILE B 177 21.41 2.50 7.79
N ASP B 178 21.00 2.81 9.02
CA ASP B 178 20.85 1.79 10.04
C ASP B 178 19.57 1.87 10.84
N GLU B 179 18.61 2.65 10.33
CA GLU B 179 17.35 2.88 11.02
C GLU B 179 16.19 2.82 10.03
N VAL B 180 15.13 2.11 10.40
CA VAL B 180 13.87 2.15 9.64
C VAL B 180 12.69 2.44 10.56
N PHE B 181 11.61 2.94 9.98
CA PHE B 181 10.30 2.99 10.64
C PHE B 181 9.41 1.95 9.98
N LEU B 182 8.54 1.32 10.77
CA LEU B 182 7.51 0.41 10.25
C LEU B 182 6.16 0.92 10.69
N ASP B 183 5.16 0.84 9.82
CA ASP B 183 3.75 1.04 10.19
C ASP B 183 3.16 -0.33 10.27
N LEU B 184 2.83 -0.78 11.49
CA LEU B 184 2.34 -2.14 11.70
C LEU B 184 0.79 -2.27 11.73
N GLY B 185 0.09 -1.26 11.25
CA GLY B 185 -1.37 -1.22 11.30
C GLY B 185 -2.09 -2.38 10.64
N ARG B 186 -1.76 -2.69 9.38
CA ARG B 186 -2.37 -3.83 8.67
C ARG B 186 -2.12 -5.07 9.42
N ILE B 187 -0.86 -5.29 9.78
CA ILE B 187 -0.50 -6.54 10.44
C ILE B 187 -1.31 -6.65 11.72
N CYS B 188 -1.28 -5.59 12.54
CA CYS B 188 -1.99 -5.61 13.80
C CYS B 188 -3.48 -5.77 13.63
N PHE B 189 -4.08 -5.01 12.72
CA PHE B 189 -5.51 -5.05 12.49
C PHE B 189 -5.94 -6.43 12.02
N ASN B 190 -5.10 -7.04 11.20
CA ASN B 190 -5.38 -8.37 10.71
C ASN B 190 -5.22 -9.43 11.80
N MET B 191 -4.26 -9.26 12.71
CA MET B 191 -4.14 -10.19 13.83
C MET B 191 -5.38 -10.03 14.66
N LEU B 192 -5.74 -8.79 14.92
CA LEU B 192 -6.83 -8.53 15.81
C LEU B 192 -8.13 -9.15 15.31
N MET B 193 -8.35 -9.17 14.00
CA MET B 193 -9.66 -9.57 13.48
C MET B 193 -9.73 -10.96 12.91
N PHE B 194 -8.61 -11.47 12.39
CA PHE B 194 -8.65 -12.68 11.57
C PHE B 194 -7.73 -13.80 11.95
N ASP B 195 -6.78 -13.54 12.82
CA ASP B 195 -5.78 -14.55 13.18
C ASP B 195 -6.32 -15.53 14.20
N ASN B 196 -6.56 -16.75 13.72
CA ASN B 196 -7.12 -17.82 14.53
C ASN B 196 -6.08 -18.72 15.14
N GLU B 197 -4.81 -18.38 14.93
CA GLU B 197 -3.71 -19.19 15.43
C GLU B 197 -3.07 -18.76 16.75
N TYR B 198 -3.11 -17.47 17.08
CA TYR B 198 -2.43 -16.95 18.24
C TYR B 198 -3.14 -17.37 19.55
N GLU B 199 -2.36 -17.81 20.55
CA GLU B 199 -2.93 -18.21 21.86
C GLU B 199 -2.23 -17.56 23.06
N LEU B 200 -3.04 -17.01 23.96
CA LEU B 200 -2.56 -16.26 25.12
C LEU B 200 -2.07 -17.19 26.22
N THR B 201 -2.68 -18.37 26.30
CA THR B 201 -2.36 -19.40 27.28
C THR B 201 -2.40 -20.78 26.58
N GLY B 202 -2.49 -21.84 27.37
CA GLY B 202 -2.68 -23.18 26.88
C GLY B 202 -4.03 -23.38 26.23
N ASP B 203 -5.06 -22.79 26.82
CA ASP B 203 -6.42 -22.94 26.34
C ASP B 203 -7.02 -21.72 25.68
N LEU B 204 -6.42 -20.56 25.88
CA LEU B 204 -7.02 -19.33 25.36
C LEU B 204 -6.43 -18.77 24.08
N LYS B 205 -7.31 -18.51 23.15
CA LYS B 205 -6.93 -18.04 21.86
C LYS B 205 -7.61 -16.73 21.55
N LEU B 206 -7.00 -15.97 20.67
CA LEU B 206 -7.50 -14.67 20.31
C LEU B 206 -8.89 -14.77 19.74
N LYS B 207 -9.13 -15.79 18.95
CA LYS B 207 -10.45 -15.88 18.30
C LYS B 207 -11.56 -16.02 19.32
N ASP B 208 -11.28 -16.67 20.45
CA ASP B 208 -12.27 -16.84 21.50
C ASP B 208 -12.36 -15.61 22.36
N ALA B 209 -11.19 -15.10 22.76
CA ALA B 209 -11.10 -13.93 23.63
C ALA B 209 -11.67 -12.68 22.96
N LEU B 210 -11.48 -12.55 21.65
CA LEU B 210 -11.92 -11.35 20.94
C LEU B 210 -13.10 -11.67 20.02
N SER B 211 -13.92 -12.64 20.39
CA SER B 211 -15.03 -13.06 19.53
C SER B 211 -16.07 -11.96 19.34
N ASN B 212 -16.23 -11.09 20.35
CA ASN B 212 -17.25 -10.07 20.31
C ASN B 212 -16.90 -8.95 19.32
N ILE B 213 -15.65 -8.50 19.34
CA ILE B 213 -15.20 -7.46 18.42
C ILE B 213 -15.18 -8.00 16.98
N ARG B 214 -14.79 -9.27 16.84
CA ARG B 214 -14.73 -9.89 15.51
C ARG B 214 -16.13 -10.13 14.93
N GLU B 215 -17.06 -10.58 15.74
CA GLU B 215 -18.43 -10.77 15.27
C GLU B 215 -19.14 -9.44 14.99
N ALA B 216 -18.83 -8.40 15.75
CA ALA B 216 -19.40 -7.08 15.52
C ALA B 216 -18.92 -6.52 14.18
N PHE B 217 -17.63 -6.73 13.90
CA PHE B 217 -16.95 -6.18 12.75
C PHE B 217 -17.42 -6.81 11.43
N ILE B 218 -17.50 -8.14 11.39
CA ILE B 218 -17.99 -8.83 10.20
C ILE B 218 -19.49 -8.61 10.02
N GLY B 219 -20.19 -8.49 11.13
CA GLY B 219 -21.60 -8.12 11.13
C GLY B 219 -21.89 -6.84 10.40
N GLY B 220 -21.00 -5.86 10.45
CA GLY B 220 -21.16 -4.61 9.70
C GLY B 220 -22.17 -3.61 10.21
N ASN B 221 -22.78 -3.89 11.35
CA ASN B 221 -23.94 -3.15 11.81
C ASN B 221 -23.64 -1.86 12.56
N TYR B 222 -22.37 -1.60 12.80
CA TYR B 222 -21.96 -0.38 13.50
C TYR B 222 -21.97 0.83 12.56
N ASP B 223 -22.03 2.02 13.15
CA ASP B 223 -21.76 3.27 12.43
C ASP B 223 -20.29 3.52 12.64
N ILE B 224 -19.59 4.02 11.64
CA ILE B 224 -18.15 4.20 11.76
C ILE B 224 -17.74 5.13 12.88
N ASN B 225 -18.57 6.12 13.14
CA ASN B 225 -18.33 7.09 14.19
C ASN B 225 -18.73 6.64 15.58
N SER B 226 -19.30 5.45 15.66
CA SER B 226 -19.68 4.83 16.92
C SER B 226 -18.43 4.47 17.70
N HIS B 227 -18.52 4.47 19.01
CA HIS B 227 -17.38 4.09 19.80
C HIS B 227 -17.33 2.61 19.80
N LEU B 228 -16.15 2.06 20.05
CA LEU B 228 -15.97 0.63 20.03
C LEU B 228 -16.56 0.00 21.27
N PRO B 229 -16.73 -1.30 21.24
CA PRO B 229 -17.19 -2.01 22.42
C PRO B 229 -16.06 -1.99 23.40
N LEU B 230 -16.38 -2.17 24.66
CA LEU B 230 -15.36 -2.21 25.69
C LEU B 230 -14.56 -3.47 25.46
N ILE B 231 -13.28 -3.44 25.78
CA ILE B 231 -12.43 -4.60 25.61
C ILE B 231 -12.84 -5.68 26.58
N PRO B 232 -12.71 -6.92 26.16
CA PRO B 232 -13.06 -8.04 27.03
C PRO B 232 -11.98 -8.35 28.06
N GLU B 233 -12.38 -8.92 29.19
CA GLU B 233 -11.44 -9.23 30.27
C GLU B 233 -10.41 -10.26 29.85
N LYS B 234 -10.80 -11.18 28.98
CA LYS B 234 -9.90 -12.25 28.57
C LYS B 234 -8.72 -11.71 27.71
N ILE B 235 -8.82 -10.46 27.25
CA ILE B 235 -7.74 -9.83 26.46
C ILE B 235 -6.63 -9.26 27.37
N LYS B 236 -7.01 -8.94 28.61
CA LYS B 236 -6.08 -8.34 29.56
C LYS B 236 -4.87 -9.23 29.87
N SER B 237 -4.96 -10.55 29.61
CA SER B 237 -3.82 -11.46 29.76
C SER B 237 -2.85 -11.45 28.58
N LEU B 238 -3.14 -10.62 27.56
CA LEU B 238 -2.27 -10.50 26.38
C LEU B 238 -0.97 -9.86 26.81
N LYS B 239 0.12 -10.48 26.41
CA LYS B 239 1.43 -10.08 26.87
C LYS B 239 2.11 -9.13 25.89
N PHE B 240 2.67 -8.04 26.42
CA PHE B 240 3.62 -7.25 25.70
C PHE B 240 4.95 -7.96 25.65
N GLU B 241 5.63 -7.81 24.53
CA GLU B 241 6.98 -8.26 24.35
C GLU B 241 7.85 -7.03 24.45
N GLY B 242 8.93 -7.11 25.19
CA GLY B 242 9.83 -5.99 25.43
C GLY B 242 9.57 -5.33 26.77
N ASP B 243 10.07 -4.12 26.95
CA ASP B 243 9.99 -3.44 28.24
C ASP B 243 8.95 -2.36 28.17
N VAL B 244 7.78 -2.60 28.76
CA VAL B 244 6.75 -1.58 28.73
C VAL B 244 7.12 -0.50 29.75
N PHE B 245 7.31 0.73 29.26
CA PHE B 245 7.63 1.86 30.11
C PHE B 245 6.44 2.28 30.97
N ASN B 246 6.48 1.90 32.25
CA ASN B 246 5.39 2.17 33.16
C ASN B 246 5.84 2.58 34.56
N PRO B 247 6.52 3.74 34.66
CA PRO B 247 6.90 4.37 35.91
C PRO B 247 5.77 4.35 36.96
N GLU B 248 4.60 4.85 36.57
CA GLU B 248 3.49 5.05 37.49
C GLU B 248 2.66 3.78 37.68
N GLY B 249 3.20 2.62 37.31
CA GLY B 249 2.50 1.35 37.49
C GLY B 249 1.04 1.36 37.05
N ARG B 250 0.79 1.82 35.83
CA ARG B 250 -0.53 1.84 35.24
C ARG B 250 -0.88 0.44 34.72
N ASP B 251 -2.15 0.19 34.45
CA ASP B 251 -2.55 -1.12 33.92
C ASP B 251 -2.13 -1.27 32.48
N LEU B 252 -1.63 -2.45 32.13
CA LEU B 252 -1.12 -2.71 30.80
C LEU B 252 -2.14 -2.68 29.66
N ILE B 253 -3.29 -3.31 29.84
CA ILE B 253 -4.34 -3.34 28.82
C ILE B 253 -5.65 -2.73 29.32
N THR B 254 -5.90 -1.47 28.97
CA THR B 254 -7.15 -0.78 29.38
C THR B 254 -8.11 -0.40 28.25
N ASP B 255 -7.68 -0.54 27.00
CA ASP B 255 -8.45 -0.12 25.83
C ASP B 255 -7.77 -0.65 24.57
N TRP B 256 -8.35 -0.40 23.39
CA TRP B 256 -7.92 -1.06 22.16
C TRP B 256 -6.57 -0.59 21.67
N ASP B 257 -6.20 0.64 21.96
CA ASP B 257 -4.86 1.08 21.61
C ASP B 257 -3.79 0.18 22.27
N ASP B 258 -4.04 -0.21 23.52
CA ASP B 258 -3.18 -1.17 24.21
C ASP B 258 -3.18 -2.53 23.53
N VAL B 259 -4.33 -3.00 23.05
CA VAL B 259 -4.35 -4.32 22.43
C VAL B 259 -3.50 -4.37 21.17
N ILE B 260 -3.62 -3.33 20.35
CA ILE B 260 -2.89 -3.21 19.09
C ILE B 260 -1.39 -3.15 19.33
N LEU B 261 -1.00 -2.37 20.33
CA LEU B 261 0.41 -2.18 20.65
C LEU B 261 1.05 -3.50 21.14
N ALA B 262 0.36 -4.22 22.03
CA ALA B 262 0.83 -5.53 22.47
C ALA B 262 1.03 -6.44 21.25
N LEU B 263 0.04 -6.46 20.35
CA LEU B 263 0.18 -7.25 19.13
C LEU B 263 1.41 -6.82 18.30
N GLY B 264 1.56 -5.50 18.15
CA GLY B 264 2.71 -4.92 17.48
C GLY B 264 4.04 -5.41 18.03
N SER B 265 4.20 -5.37 19.34
CA SER B 265 5.45 -5.80 19.98
C SER B 265 5.77 -7.24 19.65
N GLN B 266 4.77 -8.09 19.63
CA GLN B 266 4.95 -9.49 19.26
C GLN B 266 5.42 -9.57 17.81
N VAL B 267 4.76 -8.85 16.93
CA VAL B 267 5.09 -8.88 15.50
C VAL B 267 6.49 -8.30 15.28
N CYS B 268 6.76 -7.25 16.02
CA CYS B 268 8.02 -6.57 15.95
C CYS B 268 9.20 -7.42 16.45
N LYS B 269 8.97 -8.22 17.48
CA LYS B 269 10.01 -9.13 17.95
C LYS B 269 10.40 -10.15 16.88
N GLY B 270 9.40 -10.69 16.19
CA GLY B 270 9.64 -11.69 15.16
C GLY B 270 10.47 -11.15 14.03
N ILE B 271 10.19 -9.91 13.65
CA ILE B 271 10.94 -9.26 12.57
C ILE B 271 12.42 -9.12 12.98
N ARG B 272 12.66 -8.61 14.18
CA ARG B 272 14.01 -8.39 14.67
C ARG B 272 14.81 -9.69 14.82
N ASP B 273 14.12 -10.77 15.18
CA ASP B 273 14.74 -12.08 15.23
C ASP B 273 15.18 -12.51 13.84
N SER B 274 14.42 -12.14 12.82
CA SER B 274 14.82 -12.46 11.45
C SER B 274 16.12 -11.75 11.06
N ILE B 275 16.26 -10.50 11.46
CA ILE B 275 17.45 -9.78 11.15
C ILE B 275 18.63 -10.45 11.80
N LYS B 276 18.47 -10.85 13.04
CA LYS B 276 19.46 -11.57 13.81
C LYS B 276 19.78 -12.97 13.31
N ASP B 277 18.74 -13.72 12.96
CA ASP B 277 18.84 -15.06 12.40
C ASP B 277 19.45 -15.15 11.02
N ILE B 278 19.14 -14.20 10.17
CA ILE B 278 19.61 -14.21 8.78
C ILE B 278 20.91 -13.44 8.58
N LEU B 279 21.09 -12.33 9.31
CA LEU B 279 22.27 -11.49 9.16
C LEU B 279 23.15 -11.33 10.42
N GLY B 280 22.60 -11.64 11.60
CA GLY B 280 23.36 -11.56 12.84
C GLY B 280 23.40 -10.21 13.57
N TYR B 281 22.61 -9.24 13.12
CA TYR B 281 22.61 -7.91 13.73
C TYR B 281 21.56 -7.75 14.81
N THR B 282 21.97 -7.13 15.91
CA THR B 282 21.09 -6.80 17.00
C THR B 282 20.46 -5.47 16.69
N THR B 283 19.30 -5.20 17.27
CA THR B 283 18.63 -3.93 17.08
C THR B 283 18.03 -3.39 18.39
N SER B 284 17.73 -2.11 18.43
CA SER B 284 16.87 -1.52 19.44
C SER B 284 15.57 -1.15 18.76
N CYS B 285 14.48 -1.20 19.49
CA CYS B 285 13.19 -0.91 18.91
C CYS B 285 12.33 -0.02 19.76
N GLY B 286 11.71 0.96 19.13
CA GLY B 286 10.80 1.86 19.80
C GLY B 286 9.44 1.59 19.23
N LEU B 287 8.48 1.29 20.07
CA LEU B 287 7.13 1.00 19.63
C LEU B 287 6.15 1.95 20.25
N SER B 288 5.37 2.63 19.42
CA SER B 288 4.40 3.59 19.92
C SER B 288 3.49 4.07 18.81
N SER B 289 2.58 4.99 19.11
CA SER B 289 1.66 5.56 18.13
C SER B 289 2.23 6.57 17.12
N THR B 290 3.34 7.20 17.47
CA THR B 290 3.91 8.23 16.62
C THR B 290 5.38 7.98 16.32
N LYS B 291 5.85 8.47 15.19
CA LYS B 291 7.23 8.30 14.77
C LYS B 291 8.26 8.95 15.66
N ASN B 292 8.03 10.18 16.06
CA ASN B 292 8.99 10.85 16.93
C ASN B 292 9.05 10.17 18.28
N VAL B 293 7.92 9.78 18.84
CA VAL B 293 7.95 9.04 20.10
C VAL B 293 8.64 7.68 19.90
N CYS B 294 8.40 7.01 18.78
CA CYS B 294 9.11 5.77 18.47
C CYS B 294 10.62 5.90 18.50
N LYS B 295 11.15 6.95 17.89
CA LYS B 295 12.61 7.13 17.79
C LYS B 295 13.23 7.39 19.16
N LEU B 296 12.53 8.15 19.99
CA LEU B 296 13.01 8.36 21.33
C LEU B 296 13.13 7.02 22.05
N ALA B 297 12.18 6.12 21.82
CA ALA B 297 12.13 4.90 22.59
C ALA B 297 13.15 3.87 22.16
N SER B 298 13.48 3.85 20.87
CA SER B 298 14.46 2.88 20.40
C SER B 298 15.84 3.18 21.00
N ASN B 299 16.11 4.47 21.17
CA ASN B 299 17.33 4.96 21.78
C ASN B 299 17.34 4.90 23.31
N TYR B 300 16.17 4.69 23.94
CA TYR B 300 16.07 4.71 25.40
C TYR B 300 16.79 3.52 26.09
N LYS B 301 16.86 2.39 25.43
CA LYS B 301 17.70 1.31 25.89
C LYS B 301 18.30 0.58 24.73
N LYS B 302 19.58 0.31 24.79
CA LYS B 302 20.34 -0.29 23.71
C LYS B 302 21.51 -1.03 24.29
N PRO B 303 21.93 -2.12 23.69
CA PRO B 303 21.42 -2.62 22.44
C PRO B 303 20.47 -3.77 22.65
N ASP B 304 19.99 -4.41 21.60
CA ASP B 304 19.11 -5.56 21.74
C ASP B 304 18.02 -5.39 22.79
N ALA B 305 17.15 -4.43 22.56
CA ALA B 305 16.08 -4.10 23.49
C ALA B 305 14.88 -3.55 22.76
N GLN B 306 13.73 -3.60 23.41
CA GLN B 306 12.51 -3.07 22.85
C GLN B 306 11.80 -2.26 23.90
N THR B 307 11.35 -1.06 23.57
CA THR B 307 10.63 -0.24 24.52
C THR B 307 9.28 0.15 23.96
N ILE B 308 8.23 -0.13 24.72
CA ILE B 308 6.88 0.16 24.31
C ILE B 308 6.48 1.38 25.11
N VAL B 309 5.90 2.38 24.47
CA VAL B 309 5.35 3.51 25.17
C VAL B 309 3.84 3.58 24.91
N LYS B 310 3.04 3.23 25.90
CA LYS B 310 1.59 3.31 25.82
C LYS B 310 1.15 4.75 25.61
N ASN B 311 -0.03 4.96 25.03
CA ASN B 311 -0.57 6.31 24.95
C ASN B 311 -0.79 6.96 26.33
N ASP B 312 -1.29 6.18 27.28
CA ASP B 312 -1.49 6.71 28.63
C ASP B 312 -0.19 6.98 29.41
N CYS B 313 0.96 6.57 28.88
CA CYS B 313 2.26 6.87 29.49
C CYS B 313 3.05 7.92 28.71
N LEU B 314 2.50 8.40 27.60
CA LEU B 314 3.22 9.34 26.76
C LEU B 314 3.81 10.52 27.56
N LEU B 315 3.05 11.02 28.52
CA LEU B 315 3.52 12.11 29.38
C LEU B 315 4.52 11.60 30.44
N ASP B 316 4.32 10.40 30.98
CA ASP B 316 5.33 9.80 31.84
C ASP B 316 6.66 9.66 31.10
N PHE B 317 6.59 9.22 29.85
CA PHE B 317 7.78 9.02 29.04
C PHE B 317 8.52 10.29 28.65
N LEU B 318 7.78 11.30 28.23
CA LEU B 318 8.38 12.56 27.84
C LEU B 318 9.00 13.31 28.99
N ASP B 319 8.35 13.23 30.14
CA ASP B 319 8.76 13.93 31.33
C ASP B 319 9.75 13.21 32.24
N CYS B 320 10.19 12.03 31.86
CA CYS B 320 11.02 11.20 32.76
C CYS B 320 12.32 11.90 33.20
N GLY B 321 12.81 12.85 32.41
CA GLY B 321 14.01 13.61 32.75
C GLY B 321 15.08 13.66 31.66
N LYS B 322 15.06 12.67 30.76
CA LYS B 322 16.12 12.48 29.76
C LYS B 322 15.87 13.25 28.50
N PHE B 323 14.68 13.83 28.34
CA PHE B 323 14.32 14.50 27.09
C PHE B 323 14.06 15.98 27.26
N GLU B 324 14.26 16.72 26.19
CA GLU B 324 14.00 18.15 26.15
C GLU B 324 13.49 18.43 24.74
N ILE B 325 12.89 19.60 24.52
CA ILE B 325 12.41 19.94 23.18
C ILE B 325 13.47 19.64 22.11
N THR B 326 14.74 19.86 22.45
CA THR B 326 15.87 19.56 21.55
C THR B 326 16.10 18.07 21.27
N SER B 327 15.42 17.18 22.00
CA SER B 327 15.60 15.75 21.78
C SER B 327 14.89 15.25 20.53
N PHE B 328 13.97 16.03 19.98
CA PHE B 328 13.17 15.61 18.82
C PHE B 328 13.90 15.75 17.48
N TRP B 329 13.54 14.86 16.54
CA TRP B 329 14.13 14.71 15.21
C TRP B 329 14.56 16.00 14.49
N THR B 330 13.68 16.98 14.42
CA THR B 330 14.04 18.22 13.72
C THR B 330 14.56 19.33 14.63
N LEU B 331 14.58 19.09 15.94
CA LEU B 331 14.98 20.11 16.89
C LEU B 331 16.34 19.88 17.55
N GLY B 332 17.11 18.95 17.02
CA GLY B 332 18.38 18.57 17.58
C GLY B 332 19.54 19.53 17.40
N GLY B 333 19.32 20.55 16.57
CA GLY B 333 20.36 21.50 16.18
C GLY B 333 20.01 22.97 16.35
N VAL B 334 20.53 23.78 15.43
CA VAL B 334 20.43 25.23 15.49
C VAL B 334 19.02 25.78 15.65
N LEU B 335 18.05 25.20 14.97
CA LEU B 335 16.63 25.59 15.17
C LEU B 335 16.13 25.25 16.57
N GLY B 336 16.68 24.20 17.15
CA GLY B 336 16.31 23.83 18.50
C GLY B 336 16.68 24.89 19.51
N LYS B 337 17.88 25.42 19.37
CA LYS B 337 18.40 26.46 20.23
C LYS B 337 17.60 27.73 20.06
N GLU B 338 17.25 28.01 18.82
CA GLU B 338 16.56 29.22 18.51
C GLU B 338 15.25 29.25 19.26
N LEU B 339 14.63 28.09 19.37
CA LEU B 339 13.33 27.97 20.03
C LEU B 339 13.45 28.14 21.53
N ILE B 340 14.47 27.54 22.14
CA ILE B 340 14.71 27.72 23.58
C ILE B 340 14.84 29.21 23.92
N ASP B 341 15.63 29.92 23.10
CA ASP B 341 15.80 31.36 23.19
C ASP B 341 14.47 32.08 22.92
N VAL B 342 13.90 31.84 21.74
CA VAL B 342 12.73 32.58 21.29
C VAL B 342 11.49 32.29 22.14
N LEU B 343 11.45 31.13 22.79
CA LEU B 343 10.30 30.76 23.61
C LEU B 343 10.62 30.81 25.10
N ASP B 344 11.77 31.35 25.46
CA ASP B 344 12.15 31.54 26.87
C ASP B 344 11.87 30.29 27.70
N LEU B 345 12.18 29.14 27.11
CA LEU B 345 11.92 27.86 27.75
C LEU B 345 13.04 27.58 28.75
N PRO B 346 12.68 27.02 29.90
CA PRO B 346 13.72 26.63 30.86
C PRO B 346 14.60 25.56 30.29
N HIS B 347 15.86 25.55 30.71
CA HIS B 347 16.82 24.57 30.22
C HIS B 347 16.55 23.16 30.77
N GLU B 348 15.49 23.01 31.58
CA GLU B 348 14.99 21.68 31.97
C GLU B 348 13.45 21.63 31.94
N ASN B 349 12.92 20.46 31.63
CA ASN B 349 11.49 20.26 31.49
C ASN B 349 10.86 21.26 30.54
N SER B 350 11.58 21.53 29.46
CA SER B 350 11.06 22.36 28.38
C SER B 350 9.80 21.78 27.73
N ILE B 351 9.70 20.45 27.64
CA ILE B 351 8.52 19.83 27.04
C ILE B 351 7.30 20.09 27.90
N LYS B 352 7.37 19.73 29.18
CA LYS B 352 6.31 20.03 30.14
C LYS B 352 5.98 21.51 30.15
N HIS B 353 7.02 22.33 30.25
CA HIS B 353 6.87 23.78 30.21
C HIS B 353 6.04 24.24 29.00
N ILE B 354 6.28 23.62 27.84
CA ILE B 354 5.49 23.89 26.62
C ILE B 354 4.02 23.41 26.71
N ARG B 355 3.77 22.33 27.45
CA ARG B 355 2.41 21.85 27.60
C ARG B 355 1.55 22.81 28.43
N GLU B 356 2.09 23.28 29.55
CA GLU B 356 1.32 24.07 30.51
C GLU B 356 1.13 25.53 30.09
N THR B 357 2.15 26.13 29.51
CA THR B 357 2.06 27.51 29.06
C THR B 357 1.01 27.69 27.97
N TRP B 358 0.89 26.70 27.09
CA TRP B 358 -0.11 26.77 26.04
C TRP B 358 -0.91 25.49 26.12
N PRO B 359 -1.66 25.40 27.21
CA PRO B 359 -2.47 24.26 27.61
C PRO B 359 -3.66 23.86 26.74
N ASP B 360 -4.36 24.84 26.18
CA ASP B 360 -5.61 24.57 25.51
C ASP B 360 -5.60 24.29 24.03
N ASN B 361 -4.87 25.07 23.26
CA ASN B 361 -4.87 24.88 21.82
C ASN B 361 -3.60 25.39 21.15
N ALA B 362 -3.30 24.82 19.98
CA ALA B 362 -2.17 25.23 19.17
C ALA B 362 -2.15 26.75 19.00
N GLY B 363 -3.29 27.37 18.74
CA GLY B 363 -3.26 28.79 18.48
C GLY B 363 -2.60 29.67 19.50
N GLN B 364 -2.71 29.32 20.77
CA GLN B 364 -2.12 30.17 21.78
C GLN B 364 -0.62 30.28 21.52
N LEU B 365 0.00 29.18 21.15
CA LEU B 365 1.42 29.17 20.81
C LEU B 365 1.67 30.02 19.60
N LYS B 366 0.73 29.99 18.66
CA LYS B 366 0.82 30.74 17.42
C LYS B 366 0.85 32.25 17.62
N GLU B 367 0.03 32.76 18.52
CA GLU B 367 -0.02 34.18 18.75
C GLU B 367 1.23 34.60 19.47
N PHE B 368 1.54 33.94 20.57
CA PHE B 368 2.84 34.19 21.21
C PHE B 368 3.95 34.30 20.17
N LEU B 369 4.11 33.26 19.36
CA LEU B 369 5.16 33.24 18.31
C LEU B 369 5.11 34.48 17.43
N ASP B 370 3.91 34.88 17.00
CA ASP B 370 3.72 36.10 16.20
C ASP B 370 4.24 37.37 16.93
N ALA B 371 4.00 37.47 18.22
CA ALA B 371 4.51 38.58 19.01
C ALA B 371 6.02 38.58 19.14
N LYS B 372 6.59 37.43 19.43
CA LYS B 372 8.02 37.28 19.52
C LYS B 372 8.61 37.45 18.15
N VAL B 373 7.80 37.03 17.20
CA VAL B 373 8.11 37.04 15.81
C VAL B 373 8.32 38.48 15.46
N LYS B 374 7.48 39.32 16.04
CA LYS B 374 7.62 40.74 15.85
C LYS B 374 8.36 41.33 17.04
N GLN B 375 9.65 41.58 16.87
CA GLN B 375 10.43 42.25 17.88
C GLN B 375 11.64 42.86 17.21
N SER B 376 12.17 43.91 17.82
CA SER B 376 13.39 44.55 17.35
C SER B 376 14.62 43.64 17.45
N ASP B 377 14.76 42.96 18.58
CA ASP B 377 15.83 42.02 18.80
C ASP B 377 15.75 40.87 17.84
N TYR B 378 14.53 40.40 17.55
CA TYR B 378 14.36 39.24 16.68
C TYR B 378 14.76 39.51 15.24
N ASP B 379 15.72 38.72 14.79
CA ASP B 379 16.25 38.76 13.43
C ASP B 379 15.21 38.24 12.50
N ARG B 380 15.21 38.72 11.27
CA ARG B 380 14.38 38.15 10.25
C ARG B 380 15.28 37.48 9.24
N SER B 381 16.51 37.99 9.16
CA SER B 381 17.50 37.52 8.20
C SER B 381 18.07 36.11 8.37
N THR B 382 18.53 35.80 9.57
CA THR B 382 19.10 34.47 9.89
C THR B 382 18.09 33.53 10.59
N SER B 383 16.95 34.09 11.00
CA SER B 383 15.85 33.31 11.57
C SER B 383 15.60 32.00 10.80
N ASN B 384 15.73 30.86 11.49
CA ASN B 384 15.33 29.55 10.92
C ASN B 384 13.80 29.32 10.96
N ILE B 385 13.06 30.36 11.35
CA ILE B 385 11.61 30.29 11.55
C ILE B 385 10.84 31.01 10.43
N ASP B 386 10.11 30.25 9.60
CA ASP B 386 9.27 30.81 8.53
C ASP B 386 8.13 31.58 9.20
N PRO B 387 8.05 32.87 8.91
CA PRO B 387 6.99 33.73 9.47
C PRO B 387 5.62 33.33 8.94
N LEU B 388 5.59 33.01 7.65
CA LEU B 388 4.40 32.57 6.95
C LEU B 388 3.94 31.23 7.49
N LYS B 389 4.92 30.41 7.85
CA LYS B 389 4.71 29.02 8.24
C LYS B 389 4.59 28.74 9.75
N THR B 390 4.39 29.77 10.54
CA THR B 390 4.20 29.64 11.98
C THR B 390 2.93 28.87 12.35
N ALA B 391 1.90 28.94 11.54
CA ALA B 391 0.65 28.23 11.84
C ALA B 391 0.98 26.77 12.20
N ASP B 392 1.81 26.15 11.36
CA ASP B 392 2.21 24.76 11.49
C ASP B 392 3.24 24.54 12.59
N LEU B 393 4.16 25.47 12.74
CA LEU B 393 5.21 25.32 13.72
C LEU B 393 4.60 25.20 15.10
N ALA B 394 3.57 25.97 15.37
CA ALA B 394 2.88 25.87 16.64
C ALA B 394 2.22 24.50 16.84
N GLU B 395 1.53 24.01 15.82
CA GLU B 395 0.84 22.74 15.94
C GLU B 395 1.81 21.58 16.14
N LYS B 396 2.87 21.59 15.35
CA LYS B 396 3.97 20.65 15.54
C LYS B 396 4.42 20.57 17.00
N LEU B 397 4.82 21.71 17.57
CA LEU B 397 5.27 21.80 18.97
C LEU B 397 4.18 21.45 19.99
N PHE B 398 2.99 22.00 19.82
CA PHE B 398 1.89 21.64 20.69
C PHE B 398 1.77 20.13 20.80
N LYS B 399 1.73 19.46 19.64
CA LYS B 399 1.46 18.03 19.58
C LYS B 399 2.70 17.22 19.94
N LEU B 400 3.86 17.65 19.48
CA LEU B 400 5.11 17.02 19.88
C LEU B 400 5.25 16.99 21.39
N SER B 401 4.87 18.09 22.04
CA SER B 401 4.98 18.23 23.49
C SER B 401 4.10 17.25 24.20
N ARG B 402 3.10 16.74 23.48
CA ARG B 402 2.10 15.87 24.05
C ARG B 402 2.23 14.43 23.54
N GLY B 403 3.08 14.23 22.55
CA GLY B 403 3.37 12.91 22.02
C GLY B 403 2.31 12.44 21.06
N ARG B 404 1.72 13.38 20.33
CA ARG B 404 0.64 13.12 19.38
C ARG B 404 0.97 13.70 17.99
N TYR B 405 2.24 13.93 17.68
CA TYR B 405 2.61 14.45 16.39
C TYR B 405 2.92 13.30 15.46
N GLY B 406 1.93 12.92 14.67
CA GLY B 406 2.05 11.79 13.78
C GLY B 406 2.26 12.15 12.32
N LEU B 407 3.50 12.05 11.88
CA LEU B 407 3.83 12.15 10.46
C LEU B 407 3.61 10.81 9.77
N PRO B 408 3.42 10.82 8.45
CA PRO B 408 3.36 9.60 7.66
C PRO B 408 4.74 9.03 7.41
N LEU B 409 4.80 7.72 7.26
CA LEU B 409 6.00 7.09 6.78
C LEU B 409 6.09 7.49 5.33
N SER B 410 7.27 7.93 4.92
CA SER B 410 7.39 8.56 3.64
C SER B 410 8.68 8.22 3.00
N SER B 411 8.58 7.77 1.75
CA SER B 411 9.74 7.47 0.95
C SER B 411 10.62 8.70 0.87
N ARG B 412 11.93 8.47 0.88
CA ARG B 412 12.91 9.52 0.65
C ARG B 412 12.83 9.98 -0.82
N PRO B 413 13.05 11.28 -1.08
CA PRO B 413 12.91 11.72 -2.47
C PRO B 413 14.07 11.23 -3.30
N VAL B 414 13.92 11.28 -4.62
CA VAL B 414 14.98 10.81 -5.49
C VAL B 414 16.24 11.66 -5.29
N VAL B 415 17.40 11.04 -5.51
CA VAL B 415 18.65 11.76 -5.41
C VAL B 415 18.73 12.78 -6.52
N LYS B 416 19.31 13.91 -6.17
CA LYS B 416 19.59 14.96 -7.13
C LYS B 416 21.08 14.95 -7.47
N SER B 417 21.92 14.70 -6.46
CA SER B 417 23.35 14.77 -6.59
C SER B 417 24.01 13.62 -5.83
N MET B 418 25.10 13.14 -6.39
CA MET B 418 25.96 12.16 -5.76
C MET B 418 27.39 12.64 -5.95
N MET B 419 28.21 12.53 -4.90
CA MET B 419 29.57 13.03 -4.90
C MET B 419 30.57 12.03 -4.30
N SER B 420 31.76 12.00 -4.88
CA SER B 420 32.87 11.28 -4.34
C SER B 420 34.12 12.15 -4.44
N ASN B 421 34.71 12.51 -3.31
CA ASN B 421 35.89 13.36 -3.29
C ASN B 421 37.03 12.84 -2.41
N LYS B 422 38.15 13.52 -2.45
CA LYS B 422 39.30 13.19 -1.63
C LYS B 422 39.98 14.47 -1.17
N ASN B 423 40.29 14.55 0.12
CA ASN B 423 41.03 15.68 0.63
C ASN B 423 42.47 15.29 0.58
N LEU B 424 43.22 16.00 -0.24
CA LEU B 424 44.59 15.66 -0.50
C LEU B 424 45.55 16.46 0.35
N ARG B 425 46.48 15.75 0.95
CA ARG B 425 47.54 16.38 1.73
C ARG B 425 48.87 15.80 1.26
N GLY B 426 49.95 16.49 1.53
CA GLY B 426 51.21 16.11 0.94
C GLY B 426 51.10 16.56 -0.48
N LYS B 427 52.03 16.16 -1.31
CA LYS B 427 52.05 16.55 -2.70
C LYS B 427 51.65 15.38 -3.56
N SER B 428 50.78 14.53 -3.07
CA SER B 428 50.47 13.37 -3.84
C SER B 428 49.98 13.85 -5.18
N CYS B 429 49.08 14.82 -5.18
CA CYS B 429 48.50 15.27 -6.43
C CYS B 429 49.25 16.41 -7.05
N ASN B 430 50.23 16.06 -7.88
CA ASN B 430 51.07 17.05 -8.56
C ASN B 430 50.94 17.03 -10.08
N SER B 431 50.15 16.11 -10.61
CA SER B 431 50.02 15.97 -12.04
C SER B 431 48.65 15.55 -12.48
N ILE B 432 48.43 15.67 -13.77
CA ILE B 432 47.21 15.29 -14.44
C ILE B 432 47.03 13.80 -14.27
N VAL B 433 48.14 13.08 -14.35
CA VAL B 433 48.19 11.65 -14.18
C VAL B 433 47.74 11.24 -12.80
N ASP B 434 48.17 12.00 -11.80
CA ASP B 434 47.79 11.77 -10.42
C ASP B 434 46.31 12.00 -10.21
N CYS B 435 45.78 13.02 -10.85
CA CYS B 435 44.35 13.34 -10.78
C CYS B 435 43.56 12.21 -11.40
N ILE B 436 44.06 11.69 -12.52
CA ILE B 436 43.37 10.63 -13.23
C ILE B 436 43.32 9.35 -12.40
N SER B 437 44.38 9.03 -11.68
CA SER B 437 44.32 7.91 -10.78
C SER B 437 43.19 8.08 -9.76
N TRP B 438 42.97 9.30 -9.31
CA TRP B 438 41.91 9.54 -8.33
C TRP B 438 40.53 9.47 -8.94
N LEU B 439 40.39 9.91 -10.19
CA LEU B 439 39.09 9.85 -10.85
C LEU B 439 38.61 8.41 -11.00
N GLU B 440 39.56 7.48 -11.16
CA GLU B 440 39.24 6.07 -11.33
C GLU B 440 38.53 5.53 -10.09
N VAL B 441 39.01 5.97 -8.94
CA VAL B 441 38.43 5.60 -7.67
C VAL B 441 37.06 6.22 -7.53
N PHE B 442 36.93 7.47 -7.94
CA PHE B 442 35.64 8.17 -7.82
C PHE B 442 34.59 7.52 -8.68
N CYS B 443 34.93 7.24 -9.94
CA CYS B 443 34.04 6.48 -10.85
C CYS B 443 33.63 5.13 -10.29
N ALA B 444 34.59 4.34 -9.85
CA ALA B 444 34.33 3.07 -9.21
C ALA B 444 33.27 3.22 -8.14
N GLU B 445 33.41 4.28 -7.34
CA GLU B 445 32.55 4.50 -6.19
C GLU B 445 31.17 4.99 -6.58
N LEU B 446 31.08 5.90 -7.53
CA LEU B 446 29.79 6.40 -7.90
C LEU B 446 29.02 5.31 -8.65
N THR B 447 29.72 4.48 -9.42
CA THR B 447 29.11 3.32 -10.06
C THR B 447 28.41 2.40 -9.03
N SER B 448 29.10 2.03 -7.96
CA SER B 448 28.49 1.15 -6.96
C SER B 448 27.37 1.83 -6.18
N ARG B 449 27.44 3.16 -6.10
CA ARG B 449 26.36 3.90 -5.49
C ARG B 449 25.14 4.05 -6.38
N ILE B 450 25.34 4.06 -7.69
CA ILE B 450 24.24 4.08 -8.63
C ILE B 450 23.50 2.74 -8.53
N GLN B 451 24.28 1.70 -8.36
CA GLN B 451 23.77 0.35 -8.22
C GLN B 451 22.93 0.16 -6.97
N ASP B 452 23.34 0.76 -5.87
CA ASP B 452 22.58 0.70 -4.64
C ASP B 452 21.26 1.40 -4.87
N LEU B 453 21.29 2.48 -5.64
CA LEU B 453 20.09 3.24 -5.95
C LEU B 453 19.11 2.49 -6.82
N GLU B 454 19.64 1.79 -7.81
CA GLU B 454 18.82 1.03 -8.73
C GLU B 454 18.08 -0.05 -8.00
N GLN B 455 18.71 -0.65 -7.01
CA GLN B 455 18.01 -1.68 -6.24
C GLN B 455 16.97 -1.04 -5.35
N GLU B 456 17.30 0.11 -4.76
CA GLU B 456 16.35 0.80 -3.90
C GLU B 456 15.09 1.17 -4.66
N TYR B 457 15.27 1.63 -5.90
CA TYR B 457 14.17 2.10 -6.72
C TYR B 457 13.58 1.01 -7.59
N ASN B 458 14.34 -0.05 -7.85
CA ASN B 458 13.99 -1.05 -8.87
C ASN B 458 13.75 -0.37 -10.21
N LYS B 459 14.58 0.62 -10.49
CA LYS B 459 14.53 1.40 -11.71
C LYS B 459 15.95 1.69 -12.13
N ILE B 460 16.16 1.86 -13.43
CA ILE B 460 17.47 2.21 -13.93
C ILE B 460 17.74 3.67 -13.65
N VAL B 461 18.93 3.96 -13.15
CA VAL B 461 19.32 5.32 -12.84
C VAL B 461 20.49 5.69 -13.72
N ILE B 462 20.36 6.75 -14.49
CA ILE B 462 21.47 7.13 -15.35
C ILE B 462 21.70 8.65 -15.27
N PRO B 463 22.90 9.07 -14.87
CA PRO B 463 23.25 10.50 -14.77
C PRO B 463 23.58 11.13 -16.12
N ARG B 464 23.12 12.33 -16.38
CA ARG B 464 23.44 12.97 -17.64
C ARG B 464 24.52 14.04 -17.55
N THR B 465 24.84 14.46 -16.33
CA THR B 465 25.82 15.52 -16.11
C THR B 465 26.90 15.16 -15.12
N VAL B 466 28.14 15.49 -15.46
CA VAL B 466 29.27 15.26 -14.58
C VAL B 466 29.95 16.56 -14.25
N SER B 467 30.35 16.75 -13.02
CA SER B 467 31.06 17.93 -12.61
C SER B 467 32.37 17.55 -11.96
N ILE B 468 33.45 18.18 -12.37
CA ILE B 468 34.76 17.93 -11.77
C ILE B 468 35.18 19.18 -11.02
N SER B 469 35.56 19.02 -9.76
CA SER B 469 35.93 20.12 -8.89
C SER B 469 37.27 19.91 -8.25
N LEU B 470 38.03 20.96 -8.05
CA LEU B 470 39.27 20.81 -7.30
C LEU B 470 39.51 22.05 -6.45
N LYS B 471 40.43 21.91 -5.50
CA LYS B 471 41.02 23.08 -4.86
C LYS B 471 42.53 23.03 -5.00
N THR B 472 43.10 24.18 -5.31
CA THR B 472 44.51 24.27 -5.61
C THR B 472 45.35 24.31 -4.33
N LYS B 473 46.66 24.34 -4.52
CA LYS B 473 47.60 24.59 -3.44
C LYS B 473 47.08 25.62 -2.47
N SER B 474 46.62 26.75 -2.98
CA SER B 474 46.15 27.88 -2.17
C SER B 474 44.62 27.90 -1.96
N TYR B 475 43.99 26.75 -2.12
CA TYR B 475 42.57 26.58 -1.75
C TYR B 475 41.54 27.24 -2.70
N GLU B 476 41.99 27.73 -3.85
CA GLU B 476 41.06 28.22 -4.87
C GLU B 476 40.30 27.06 -5.53
N VAL B 477 39.10 27.37 -5.98
CA VAL B 477 38.17 26.39 -6.53
C VAL B 477 38.12 26.47 -8.05
N TYR B 478 38.23 25.33 -8.72
CA TYR B 478 38.06 25.23 -10.16
C TYR B 478 37.01 24.16 -10.43
N ARG B 479 36.22 24.33 -11.48
CA ARG B 479 35.13 23.40 -11.73
C ARG B 479 34.74 23.38 -13.19
N LYS B 480 34.22 22.24 -13.64
CA LYS B 480 33.85 22.04 -15.03
C LYS B 480 32.71 21.02 -15.10
N SER B 481 31.52 21.47 -15.50
CA SER B 481 30.36 20.61 -15.71
C SER B 481 30.07 20.37 -17.17
N GLY B 482 29.49 19.22 -17.46
CA GLY B 482 29.02 18.97 -18.81
C GLY B 482 28.32 17.64 -18.95
N PRO B 483 27.70 17.42 -20.11
CA PRO B 483 26.95 16.19 -20.32
C PRO B 483 27.84 14.97 -20.41
N VAL B 484 27.30 13.81 -20.07
CA VAL B 484 27.95 12.54 -20.36
C VAL B 484 27.02 11.73 -21.27
N ALA B 485 27.61 11.19 -22.32
CA ALA B 485 26.86 10.53 -23.39
C ALA B 485 27.12 9.05 -23.32
N TYR B 486 26.11 8.26 -23.61
CA TYR B 486 26.26 6.83 -23.57
C TYR B 486 26.05 6.26 -24.95
N LYS B 487 27.01 5.46 -25.39
CA LYS B 487 26.94 4.82 -26.69
C LYS B 487 25.78 3.85 -26.72
N GLY B 488 25.39 3.41 -25.54
CA GLY B 488 24.28 2.48 -25.38
C GLY B 488 23.16 3.13 -24.61
N ILE B 489 22.02 2.48 -24.54
CA ILE B 489 20.90 3.00 -23.76
C ILE B 489 21.29 3.10 -22.28
N ASN B 490 22.08 2.12 -21.84
CA ASN B 490 22.54 1.98 -20.47
C ASN B 490 23.66 2.90 -20.03
N PHE B 491 23.94 2.86 -18.73
CA PHE B 491 25.03 3.62 -18.12
C PHE B 491 26.29 2.77 -18.04
N GLN B 492 27.42 3.33 -18.46
CA GLN B 492 28.72 2.64 -18.43
C GLN B 492 29.78 3.53 -17.77
N SER B 493 30.23 3.10 -16.59
CA SER B 493 31.31 3.74 -15.83
C SER B 493 32.43 4.34 -16.69
N HIS B 494 32.84 3.60 -17.72
CA HIS B 494 33.90 4.03 -18.65
C HIS B 494 33.60 5.37 -19.37
N GLU B 495 32.33 5.70 -19.58
CA GLU B 495 31.95 6.97 -20.22
C GLU B 495 31.94 8.15 -19.24
N LEU B 496 31.79 7.82 -17.96
CA LEU B 496 31.86 8.80 -16.90
C LEU B 496 33.31 9.19 -16.67
N LEU B 497 34.19 8.20 -16.68
CA LEU B 497 35.58 8.43 -16.49
C LEU B 497 36.18 9.25 -17.59
N LYS B 498 35.78 8.96 -18.79
CA LYS B 498 36.30 9.59 -19.97
C LYS B 498 36.01 11.07 -20.00
N VAL B 499 34.79 11.44 -19.64
CA VAL B 499 34.42 12.83 -19.51
C VAL B 499 35.14 13.50 -18.36
N GLY B 500 35.28 12.82 -17.24
CA GLY B 500 36.08 13.31 -16.12
C GLY B 500 37.52 13.59 -16.51
N ILE B 501 38.12 12.70 -17.28
CA ILE B 501 39.48 12.89 -17.76
C ILE B 501 39.59 14.14 -18.62
N LYS B 502 38.56 14.42 -19.39
CA LYS B 502 38.65 15.51 -20.33
C LYS B 502 38.58 16.83 -19.57
N PHE B 503 37.70 16.88 -18.58
CA PHE B 503 37.56 18.03 -17.71
C PHE B 503 38.79 18.30 -16.88
N VAL B 504 39.39 17.26 -16.34
CA VAL B 504 40.57 17.38 -15.51
C VAL B 504 41.70 17.98 -16.33
N THR B 505 41.78 17.53 -17.57
CA THR B 505 42.72 18.03 -18.56
C THR B 505 42.46 19.48 -18.95
N ASP B 506 41.20 19.87 -19.04
CA ASP B 506 40.86 21.24 -19.41
C ASP B 506 41.23 22.18 -18.28
N LEU B 507 41.03 21.73 -17.05
CA LEU B 507 41.36 22.55 -15.90
C LEU B 507 42.88 22.67 -15.74
N ASP B 508 43.62 21.62 -16.05
CA ASP B 508 45.08 21.70 -16.04
C ASP B 508 45.57 22.85 -16.90
N ILE B 509 45.06 22.93 -18.13
CA ILE B 509 45.42 24.01 -19.06
C ILE B 509 45.02 25.36 -18.48
N LYS B 510 43.86 25.40 -17.83
CA LYS B 510 43.35 26.64 -17.27
C LYS B 510 44.24 27.20 -16.16
N GLY B 511 44.97 26.31 -15.46
CA GLY B 511 45.73 26.73 -14.29
C GLY B 511 47.22 26.82 -14.55
N LYS B 512 47.61 27.06 -15.80
CA LYS B 512 48.99 26.83 -16.19
C LYS B 512 50.03 27.62 -15.41
N ASN B 513 49.95 28.94 -15.47
CA ASN B 513 50.95 29.74 -14.77
C ASN B 513 50.28 30.39 -13.56
N LYS B 514 49.45 29.60 -12.86
CA LYS B 514 48.69 30.07 -11.71
C LYS B 514 48.94 29.13 -10.55
N SER B 515 48.46 29.51 -9.37
CA SER B 515 48.48 28.60 -8.22
C SER B 515 47.64 27.37 -8.54
N TYR B 516 48.25 26.19 -8.52
CA TYR B 516 47.54 24.98 -8.85
C TYR B 516 48.01 23.77 -8.04
N TYR B 517 49.02 23.06 -8.53
CA TYR B 517 49.58 21.93 -7.80
C TYR B 517 50.52 22.32 -6.67
N PRO B 518 50.61 21.47 -5.66
CA PRO B 518 49.80 20.27 -5.56
C PRO B 518 48.37 20.53 -5.15
N LEU B 519 47.43 19.74 -5.62
CA LEU B 519 46.03 19.96 -5.28
C LEU B 519 45.77 19.62 -3.85
N THR B 520 44.80 20.27 -3.24
CA THR B 520 44.47 19.97 -1.85
C THR B 520 43.14 19.27 -1.74
N LYS B 521 42.39 19.22 -2.83
CA LYS B 521 41.07 18.61 -2.86
C LYS B 521 40.65 18.28 -4.31
N LEU B 522 40.06 17.12 -4.54
CA LEU B 522 39.59 16.75 -5.88
C LEU B 522 38.27 16.00 -5.78
N SER B 523 37.33 16.32 -6.65
CA SER B 523 36.02 15.68 -6.56
C SER B 523 35.23 15.48 -7.86
N MET B 524 34.34 14.51 -7.86
CA MET B 524 33.46 14.23 -8.99
C MET B 524 32.02 14.18 -8.51
N THR B 525 31.12 14.85 -9.21
CA THR B 525 29.71 14.90 -8.82
C THR B 525 28.86 14.65 -10.05
N ILE B 526 27.84 13.82 -9.90
CA ILE B 526 26.92 13.47 -11.00
C ILE B 526 25.53 14.00 -10.64
N THR B 527 24.80 14.45 -11.65
CA THR B 527 23.52 15.11 -11.50
C THR B 527 22.67 14.86 -12.71
N ASN B 528 21.48 15.41 -12.72
CA ASN B 528 20.56 15.27 -13.83
C ASN B 528 20.26 13.84 -14.23
N PHE B 529 19.92 13.03 -13.23
CA PHE B 529 19.57 11.64 -13.45
C PHE B 529 18.21 11.44 -14.09
N ASP B 530 18.17 10.62 -15.12
CA ASP B 530 16.91 10.09 -15.62
C ASP B 530 16.65 8.76 -14.89
N ILE B 531 15.55 8.72 -14.13
CA ILE B 531 15.13 7.48 -13.45
C ILE B 531 14.21 6.69 -14.37
N ILE B 532 14.66 6.46 -15.60
CA ILE B 532 13.83 5.77 -16.60
C ILE B 532 13.57 4.32 -16.19
N ASP B 533 14.50 3.61 -15.79
P 8FG E 2 -40.76 -8.67 -21.49
OP1 8FG E 2 -39.98 -9.77 -22.12
OP2 8FG E 2 -42.26 -8.69 -21.55
O5' 8FG E 2 -40.43 -8.59 -19.94
N9 8FG E 2 -36.76 -7.05 -17.55
C4 8FG E 2 -36.60 -6.24 -18.60
N3 8FG E 2 -37.49 -5.54 -19.33
C2 8FG E 2 -37.09 -4.78 -20.37
N2 8FG E 2 -38.02 -4.10 -21.06
N1 8FG E 2 -35.79 -4.68 -20.73
C6 8FG E 2 -34.85 -5.34 -20.05
O6 8FG E 2 -33.66 -5.24 -20.38
C5 8FG E 2 -35.26 -6.17 -18.91
N7 8FG E 2 -34.58 -6.95 -18.06
C8 8FG E 2 -35.53 -7.46 -17.27
C31 8FG E 2 -35.41 -7.28 -14.00
C32 8FG E 2 -34.66 -7.95 -14.95
C33 8FG E 2 -33.33 -8.23 -14.73
C34 8FG E 2 -32.76 -7.85 -13.53
C35 8FG E 2 -33.52 -7.20 -12.61
C36 8FG E 2 -34.85 -6.89 -12.81
C37 8FG E 2 -31.40 -8.03 -13.06
C38 8FG E 2 -31.47 -7.41 -11.76
C39 8FG E 2 -32.72 -6.92 -11.52
C40 8FG E 2 -30.48 -7.25 -10.81
C41 8FG E 2 -30.80 -6.62 -9.62
C42 8FG E 2 -32.08 -6.13 -9.41
C43 8FG E 2 -33.06 -6.28 -10.35
N29 8FG E 2 -35.22 -8.36 -16.17
C30 8FG E 2 -35.55 -9.67 -16.29
O44 8FG E 2 -36.24 -10.03 -17.21
C45 8FG E 2 -35.08 -10.65 -15.27
C2' 8FG E 2 -38.76 -6.12 -16.46
C5' 8FG E 2 -40.79 -7.40 -19.23
C4' 8FG E 2 -40.21 -7.43 -17.82
O4' 8FG E 2 -38.91 -8.01 -17.85
C1' 8FG E 2 -38.05 -7.39 -16.91
C3' 8FG E 2 -39.97 -6.02 -17.36
O3' 8FG E 2 -41.11 -5.54 -16.66
P 8FG F 2 36.09 19.37 17.44
OP1 8FG F 2 36.57 20.46 16.50
OP2 8FG F 2 36.82 19.15 18.75
O5' 8FG F 2 36.07 17.98 16.64
N9 8FG F 2 33.96 14.65 14.76
C4 8FG F 2 32.93 15.35 15.26
N3 8FG F 2 32.67 16.68 15.39
C2 8FG F 2 31.52 17.15 15.93
N2 8FG F 2 31.33 18.49 16.04
N1 8FG F 2 30.56 16.31 16.39
C6 8FG F 2 30.71 14.97 16.30
O6 8FG F 2 29.83 14.20 16.72
C5 8FG F 2 31.96 14.44 15.71
N7 8FG F 2 32.41 13.18 15.49
C8 8FG F 2 33.60 13.37 14.92
C31 8FG F 2 35.00 11.49 12.27
C32 8FG F 2 34.12 11.52 13.36
C33 8FG F 2 32.92 10.80 13.30
C34 8FG F 2 32.62 10.09 12.16
C35 8FG F 2 33.50 10.07 11.08
C36 8FG F 2 34.70 10.76 11.12
C37 8FG F 2 31.50 9.26 11.79
C38 8FG F 2 31.75 8.78 10.46
C39 8FG F 2 32.97 9.28 10.07
C40 8FG F 2 31.02 7.96 9.61
C41 8FG F 2 31.55 7.65 8.35
C42 8FG F 2 32.79 8.17 7.96
C43 8FG F 2 33.52 8.99 8.82
N29 8FG F 2 34.44 12.25 14.52
C30 8FG F 2 35.50 11.85 15.31
O44 8FG F 2 36.14 12.67 15.95
C45 8FG F 2 35.90 10.40 15.38
C2' 8FG F 2 35.10 16.40 13.30
C5' 8FG F 2 37.27 17.43 16.09
C4' 8FG F 2 36.96 16.60 14.85
O4' 8FG F 2 36.16 15.46 15.20
C1' 8FG F 2 35.25 15.14 14.15
C3' 8FG F 2 36.19 17.34 13.77
O3' 8FG F 2 37.06 17.71 12.69
CA CA G . -22.64 -9.76 -11.75
CA CA H . -20.93 -11.96 -11.80
CA CA I . 7.51 -20.02 -20.73
CA CA J . -19.79 -19.80 -7.31
CA CA K . 21.57 5.15 15.18
CA CA L . 22.98 6.39 12.76
CA CA M . -6.89 4.82 27.95
CA CA N . 44.93 2.07 -12.99
#